data_4ONX
#
_entry.id   4ONX
#
_cell.length_a   73.903
_cell.length_b   82.739
_cell.length_c   73.954
_cell.angle_alpha   90.00
_cell.angle_beta   105.92
_cell.angle_gamma   90.00
#
_symmetry.space_group_name_H-M   'P 1 21 1'
#
loop_
_entity.id
_entity.type
_entity.pdbx_description
1 polymer 'Sensor histidine kinase'
2 non-polymer 'ZINC ION'
3 non-polymer 'CHLORIDE ION'
4 non-polymer 'SULFATE ION'
5 water water
#
_entity_poly.entity_id   1
_entity_poly.type   'polypeptide(L)'
_entity_poly.pdbx_seq_one_letter_code
;(MSE)HHHHHHSSGVDLGTENLYFQSNAEDKLSY(MSE)DEDVRNTLKETAFSISEIPFIQEDLSNGEINSRIQEYTKHF
IEAINDVDIIVVAD(MSE)RGVKYSHLDEKQIGQVFVNEDKKEVLTQGSSYYSL(MSE)KGS(MSE)GETLRWFQPV
(MSE)YNGKQVGFI(MSE)VGKYYNEIQLLTHK
;
_entity_poly.pdbx_strand_id   A,B,C,D,E,F
#
# COMPACT_ATOMS: atom_id res chain seq x y z
N TYR A 30 0.38 -5.05 -39.46
CA TYR A 30 -0.88 -4.25 -39.34
C TYR A 30 -0.64 -2.89 -38.72
N ASP A 32 -2.99 -0.49 -38.75
CA ASP A 32 -4.38 -0.09 -38.83
C ASP A 32 -4.59 1.21 -38.02
N GLU A 33 -5.60 1.97 -38.47
CA GLU A 33 -5.93 3.25 -37.87
C GLU A 33 -6.44 3.19 -36.45
N ASP A 34 -7.10 2.09 -36.07
CA ASP A 34 -7.64 1.97 -34.72
C ASP A 34 -6.49 2.22 -33.74
N VAL A 35 -5.42 1.46 -33.90
CA VAL A 35 -4.27 1.59 -33.05
C VAL A 35 -3.71 3.01 -33.17
N ARG A 36 -3.43 3.42 -34.40
CA ARG A 36 -2.86 4.73 -34.61
C ARG A 36 -3.68 5.77 -33.86
N ASN A 37 -4.99 5.64 -33.96
CA ASN A 37 -5.88 6.57 -33.30
C ASN A 37 -5.75 6.50 -31.78
N THR A 38 -5.88 5.30 -31.21
CA THR A 38 -5.75 5.13 -29.78
C THR A 38 -4.47 5.78 -29.24
N LEU A 39 -3.37 5.59 -29.92
CA LEU A 39 -2.13 6.16 -29.46
C LEU A 39 -2.19 7.68 -29.46
N LYS A 40 -2.75 8.25 -30.51
CA LYS A 40 -2.79 9.69 -30.63
C LYS A 40 -3.74 10.31 -29.60
N GLU A 41 -4.92 9.73 -29.44
CA GLU A 41 -5.91 10.28 -28.51
C GLU A 41 -5.36 10.19 -27.08
N THR A 42 -4.76 9.07 -26.77
CA THR A 42 -4.20 8.86 -25.46
C THR A 42 -3.14 9.90 -25.14
N ALA A 43 -2.23 10.10 -26.07
CA ALA A 43 -1.15 11.04 -25.87
C ALA A 43 -1.67 12.46 -25.81
N PHE A 44 -2.65 12.75 -26.63
CA PHE A 44 -3.21 14.07 -26.67
C PHE A 44 -3.92 14.37 -25.37
N SER A 45 -4.78 13.46 -24.95
CA SER A 45 -5.54 13.65 -23.71
C SER A 45 -4.56 14.02 -22.60
N ILE A 46 -3.51 13.24 -22.44
CA ILE A 46 -2.56 13.50 -21.38
C ILE A 46 -1.87 14.85 -21.55
N SER A 47 -1.52 15.20 -22.79
CA SER A 47 -0.82 16.46 -23.07
C SER A 47 -1.67 17.66 -22.66
N GLU A 48 -3.00 17.51 -22.71
CA GLU A 48 -3.91 18.59 -22.37
C GLU A 48 -4.24 18.76 -20.90
N ILE A 49 -3.74 17.90 -20.04
CA ILE A 49 -4.03 18.00 -18.62
C ILE A 49 -3.22 19.12 -17.97
N PRO A 50 -3.90 20.10 -17.39
CA PRO A 50 -3.20 21.18 -16.73
C PRO A 50 -2.07 20.73 -15.79
N PHE A 51 -2.35 19.82 -14.86
CA PHE A 51 -1.31 19.42 -13.91
C PHE A 51 -0.13 18.69 -14.54
N ILE A 52 -0.34 18.09 -15.70
CA ILE A 52 0.76 17.41 -16.39
C ILE A 52 1.69 18.46 -16.94
N GLN A 53 1.09 19.54 -17.43
CA GLN A 53 1.85 20.65 -17.99
C GLN A 53 2.65 21.35 -16.92
N GLU A 54 1.99 21.69 -15.81
CA GLU A 54 2.68 22.35 -14.70
C GLU A 54 3.83 21.49 -14.18
N ASP A 55 3.59 20.19 -14.06
CA ASP A 55 4.60 19.30 -13.51
C ASP A 55 5.86 19.30 -14.35
N LEU A 56 5.72 19.24 -15.66
CA LEU A 56 6.90 19.25 -16.52
C LEU A 56 7.63 20.57 -16.44
N SER A 57 6.88 21.64 -16.30
CA SER A 57 7.46 22.96 -16.18
C SER A 57 8.30 23.04 -14.91
N ASN A 58 7.68 22.72 -13.78
CA ASN A 58 8.30 22.79 -12.45
C ASN A 58 9.58 21.99 -12.26
N GLY A 59 9.69 20.83 -12.90
CA GLY A 59 10.87 20.02 -12.75
C GLY A 59 10.86 19.15 -11.51
N GLU A 60 9.88 19.33 -10.64
CA GLU A 60 9.82 18.54 -9.44
C GLU A 60 9.29 17.17 -9.76
N ILE A 61 9.83 16.16 -9.08
CA ILE A 61 9.41 14.79 -9.28
C ILE A 61 8.25 14.48 -8.35
N ASN A 62 7.14 14.02 -8.93
CA ASN A 62 5.96 13.71 -8.18
C ASN A 62 5.47 12.30 -8.46
N SER A 63 5.60 11.42 -7.48
CA SER A 63 5.23 10.02 -7.64
C SER A 63 3.76 9.78 -7.97
N ARG A 64 2.87 10.70 -7.60
CA ARG A 64 1.44 10.54 -7.95
C ARG A 64 1.24 10.73 -9.46
N ILE A 65 2.02 11.61 -10.09
CA ILE A 65 1.96 11.79 -11.54
C ILE A 65 2.49 10.51 -12.16
N GLN A 66 3.58 10.03 -11.60
CA GLN A 66 4.19 8.80 -12.07
C GLN A 66 3.08 7.74 -12.10
N GLU A 67 2.39 7.59 -10.96
CA GLU A 67 1.32 6.61 -10.83
C GLU A 67 0.20 6.89 -11.82
N TYR A 68 -0.10 8.17 -12.08
CA TYR A 68 -1.15 8.56 -13.02
C TYR A 68 -0.99 7.90 -14.39
N THR A 69 0.24 7.78 -14.86
CA THR A 69 0.49 7.17 -16.17
C THR A 69 0.21 5.66 -16.21
N LYS A 70 0.19 5.03 -15.05
CA LYS A 70 0.03 3.59 -14.97
C LYS A 70 -1.36 3.17 -15.45
N HIS A 71 -2.34 4.03 -15.26
CA HIS A 71 -3.72 3.70 -15.67
C HIS A 71 -3.87 3.39 -17.16
N PHE A 72 -3.08 4.06 -17.97
CA PHE A 72 -3.17 3.90 -19.41
C PHE A 72 -2.65 2.56 -19.87
N ILE A 73 -1.57 2.09 -19.25
CA ILE A 73 -1.07 0.77 -19.58
C ILE A 73 -2.15 -0.26 -19.18
N GLU A 74 -2.61 -0.19 -17.94
CA GLU A 74 -3.59 -1.12 -17.37
C GLU A 74 -4.92 -1.21 -18.10
N ALA A 75 -5.51 -0.04 -18.36
CA ALA A 75 -6.84 0.02 -18.95
C ALA A 75 -6.91 0.05 -20.47
N ILE A 76 -5.83 0.36 -21.16
CA ILE A 76 -5.84 0.40 -22.64
C ILE A 76 -4.97 -0.72 -23.18
N ASN A 77 -5.60 -1.66 -23.86
CA ASN A 77 -4.92 -2.84 -24.39
C ASN A 77 -3.82 -2.52 -25.38
N ASP A 78 -4.09 -1.59 -26.29
CA ASP A 78 -3.11 -1.22 -27.31
C ASP A 78 -1.95 -0.34 -26.85
N VAL A 79 -1.89 0.01 -25.57
CA VAL A 79 -0.81 0.83 -25.07
C VAL A 79 0.13 0.00 -24.23
N ASP A 80 1.29 -0.31 -24.78
CA ASP A 80 2.28 -1.13 -24.08
C ASP A 80 3.36 -0.28 -23.45
N ILE A 81 3.44 0.97 -23.86
CA ILE A 81 4.48 1.85 -23.33
C ILE A 81 4.04 3.31 -23.34
N ILE A 82 4.40 4.00 -22.27
N ILE A 82 4.39 4.00 -22.27
CA ILE A 82 4.06 5.40 -22.11
CA ILE A 82 4.11 5.41 -22.13
C ILE A 82 5.25 6.10 -21.49
C ILE A 82 5.28 6.08 -21.51
N VAL A 83 5.69 7.18 -22.11
CA VAL A 83 6.80 7.93 -21.61
C VAL A 83 6.46 9.38 -21.58
N VAL A 84 6.81 10.01 -20.48
CA VAL A 84 6.60 11.43 -20.30
C VAL A 84 7.96 12.01 -20.00
N ALA A 85 8.39 12.91 -20.85
CA ALA A 85 9.68 13.52 -20.70
C ALA A 85 9.59 15.02 -20.65
N ASP A 86 10.49 15.62 -19.88
CA ASP A 86 10.60 17.07 -19.84
C ASP A 86 11.78 17.38 -20.76
N ARG A 88 14.78 17.88 -20.12
CA ARG A 88 16.04 17.22 -19.73
C ARG A 88 16.02 15.75 -20.18
N GLY A 89 14.85 15.14 -20.16
CA GLY A 89 14.75 13.74 -20.56
C GLY A 89 13.55 13.04 -19.97
N VAL A 90 13.54 11.73 -20.11
CA VAL A 90 12.48 10.91 -19.55
C VAL A 90 12.33 11.21 -18.06
N LYS A 91 11.10 11.53 -17.64
CA LYS A 91 10.82 11.85 -16.26
C LYS A 91 9.98 10.73 -15.65
N TYR A 92 8.88 10.40 -16.29
CA TYR A 92 8.00 9.34 -15.83
C TYR A 92 7.91 8.32 -16.92
N SER A 93 7.61 7.08 -16.57
CA SER A 93 7.51 6.02 -17.55
C SER A 93 6.86 4.76 -17.01
N HIS A 94 6.04 4.12 -17.84
CA HIS A 94 5.41 2.86 -17.48
C HIS A 94 5.31 1.99 -18.71
N LEU A 95 5.47 0.69 -18.49
CA LEU A 95 5.43 -0.31 -19.55
C LEU A 95 4.59 -1.47 -19.15
N ASP A 96 4.08 -2.20 -20.16
CA ASP A 96 3.34 -3.41 -19.90
C ASP A 96 4.45 -4.43 -19.66
N GLU A 97 4.74 -4.65 -18.39
CA GLU A 97 5.84 -5.50 -17.97
C GLU A 97 5.86 -6.91 -18.54
N LYS A 98 4.70 -7.52 -18.70
CA LYS A 98 4.66 -8.83 -19.28
C LYS A 98 5.05 -8.74 -20.77
N GLN A 99 4.38 -7.85 -21.50
CA GLN A 99 4.64 -7.68 -22.91
C GLN A 99 6.10 -7.38 -23.19
N ILE A 100 6.64 -6.35 -22.56
CA ILE A 100 8.02 -5.96 -22.81
C ILE A 100 9.02 -6.97 -22.28
N GLY A 101 8.69 -7.60 -21.16
CA GLY A 101 9.60 -8.61 -20.61
C GLY A 101 9.94 -9.69 -21.61
N GLN A 102 8.93 -10.19 -22.33
CA GLN A 102 9.14 -11.24 -23.33
C GLN A 102 10.18 -10.86 -24.38
N VAL A 103 10.24 -9.58 -24.72
CA VAL A 103 11.20 -9.07 -25.68
C VAL A 103 12.61 -9.46 -25.28
N PHE A 104 12.92 -9.26 -24.01
CA PHE A 104 14.25 -9.56 -23.50
C PHE A 104 14.53 -11.02 -23.13
N VAL A 105 13.51 -11.86 -23.20
CA VAL A 105 13.68 -13.26 -22.85
C VAL A 105 13.74 -14.14 -24.07
N ASN A 106 12.64 -14.16 -24.81
CA ASN A 106 12.47 -15.03 -25.98
C ASN A 106 13.74 -15.58 -26.61
N GLU A 107 14.73 -14.72 -26.83
CA GLU A 107 15.96 -15.13 -27.49
C GLU A 107 16.98 -15.81 -26.60
N ASP A 108 17.51 -16.96 -27.01
CA ASP A 108 18.58 -17.67 -26.29
C ASP A 108 18.13 -18.34 -24.98
N LYS A 109 16.83 -18.60 -24.87
CA LYS A 109 16.29 -19.27 -23.70
C LYS A 109 16.37 -20.80 -23.87
N LYS A 110 16.53 -21.24 -25.11
CA LYS A 110 16.59 -22.67 -25.41
C LYS A 110 17.58 -23.46 -24.54
N GLU A 111 18.84 -23.04 -24.50
CA GLU A 111 19.89 -23.74 -23.70
C GLU A 111 19.53 -24.04 -22.25
N VAL A 112 19.19 -23.01 -21.47
CA VAL A 112 18.84 -23.21 -20.06
C VAL A 112 17.61 -24.11 -19.91
N LEU A 113 16.63 -23.93 -20.79
CA LEU A 113 15.42 -24.75 -20.74
C LEU A 113 15.62 -26.21 -21.09
N THR A 114 16.52 -26.49 -22.03
CA THR A 114 16.74 -27.87 -22.47
C THR A 114 17.85 -28.60 -21.72
N GLN A 115 18.90 -27.90 -21.33
CA GLN A 115 19.90 -28.48 -20.45
C GLN A 115 19.52 -27.78 -19.17
N GLY A 116 20.42 -27.78 -18.20
CA GLY A 116 20.22 -27.02 -16.98
C GLY A 116 21.47 -26.19 -16.93
N SER A 117 21.72 -25.49 -18.01
CA SER A 117 22.94 -24.76 -18.13
C SER A 117 22.78 -23.31 -17.74
N SER A 118 23.66 -22.84 -16.85
CA SER A 118 23.71 -21.44 -16.45
C SER A 118 24.69 -20.72 -17.38
N TYR A 119 24.35 -19.52 -17.84
CA TYR A 119 25.23 -18.78 -18.77
C TYR A 119 24.86 -17.34 -19.01
N TYR A 120 25.79 -16.62 -19.64
CA TYR A 120 25.61 -15.23 -20.01
C TYR A 120 25.28 -15.14 -21.49
N SER A 121 24.41 -14.20 -21.86
CA SER A 121 24.13 -13.96 -23.27
C SER A 121 23.85 -12.51 -23.56
N LEU A 122 24.65 -11.97 -24.47
CA LEU A 122 24.51 -10.60 -24.91
C LEU A 122 23.54 -10.57 -26.05
N LYS A 124 22.09 -8.20 -28.82
CA LYS A 124 22.33 -6.93 -29.50
C LYS A 124 20.96 -6.53 -29.98
N GLY A 125 20.52 -5.33 -29.63
CA GLY A 125 19.20 -4.89 -29.99
C GLY A 125 18.11 -5.85 -29.56
N SER A 126 16.98 -5.80 -30.25
CA SER A 126 15.83 -6.64 -29.90
C SER A 126 15.05 -7.11 -31.14
N GLY A 128 11.34 -7.88 -33.15
CA GLY A 128 10.06 -7.22 -33.29
C GLY A 128 10.15 -5.76 -33.66
N GLU A 129 9.02 -5.06 -33.58
CA GLU A 129 8.93 -3.65 -33.94
C GLU A 129 7.96 -2.94 -32.99
N THR A 130 8.14 -1.63 -32.85
CA THR A 130 7.31 -0.85 -31.94
C THR A 130 6.84 0.44 -32.56
N LEU A 131 5.52 0.62 -32.62
CA LEU A 131 4.93 1.81 -33.19
C LEU A 131 4.73 2.86 -32.13
N ARG A 132 5.30 4.04 -32.33
CA ARG A 132 5.18 5.10 -31.34
C ARG A 132 4.60 6.37 -31.90
N TRP A 133 4.04 7.19 -31.01
CA TRP A 133 3.51 8.48 -31.37
C TRP A 133 4.08 9.48 -30.41
N PHE A 134 4.68 10.52 -30.95
CA PHE A 134 5.28 11.60 -30.13
C PHE A 134 4.40 12.83 -30.15
N GLN A 135 4.15 13.35 -28.96
CA GLN A 135 3.29 14.50 -28.77
C GLN A 135 3.99 15.49 -27.86
N PRO A 136 4.22 16.72 -28.35
CA PRO A 136 4.84 17.69 -27.49
C PRO A 136 3.88 18.14 -26.38
N VAL A 137 4.42 18.76 -25.33
CA VAL A 137 3.61 19.27 -24.23
C VAL A 137 3.94 20.74 -24.04
N TYR A 139 3.08 24.59 -22.05
CA TYR A 139 2.57 25.27 -20.87
C TYR A 139 2.77 26.78 -21.06
N ASN A 140 1.69 27.54 -20.92
CA ASN A 140 1.77 28.99 -21.10
C ASN A 140 2.50 29.36 -22.37
N GLY A 141 2.20 28.63 -23.44
CA GLY A 141 2.80 28.91 -24.74
C GLY A 141 4.16 28.32 -25.05
N LYS A 142 4.91 27.87 -24.04
CA LYS A 142 6.23 27.29 -24.28
C LYS A 142 6.21 25.77 -24.13
N GLN A 143 7.01 25.09 -24.93
CA GLN A 143 7.09 23.65 -24.88
C GLN A 143 7.89 23.25 -23.68
N VAL A 144 7.31 22.38 -22.84
CA VAL A 144 7.99 21.94 -21.62
C VAL A 144 8.40 20.47 -21.64
N GLY A 145 8.11 19.77 -22.72
CA GLY A 145 8.47 18.36 -22.83
C GLY A 145 7.69 17.67 -23.93
N PHE A 146 7.55 16.36 -23.79
CA PHE A 146 6.79 15.57 -24.77
C PHE A 146 6.29 14.29 -24.15
N ILE A 147 5.36 13.65 -24.85
CA ILE A 147 4.78 12.42 -24.38
C ILE A 147 4.87 11.43 -25.52
N VAL A 149 3.81 7.53 -26.77
CA VAL A 149 2.91 6.41 -26.48
C VAL A 149 3.10 5.39 -27.57
N GLY A 150 3.25 4.11 -27.21
CA GLY A 150 3.50 3.09 -28.21
C GLY A 150 2.95 1.71 -27.95
N LYS A 151 2.95 0.92 -29.01
CA LYS A 151 2.49 -0.46 -28.96
C LYS A 151 3.58 -1.32 -29.55
N TYR A 152 3.80 -2.49 -28.95
CA TYR A 152 4.84 -3.39 -29.40
C TYR A 152 4.25 -4.51 -30.23
N TYR A 153 4.98 -4.90 -31.25
CA TYR A 153 4.60 -5.99 -32.14
C TYR A 153 5.77 -6.98 -32.18
N ASN A 154 5.50 -8.27 -31.99
CA ASN A 154 6.56 -9.29 -32.10
C ASN A 154 6.51 -9.93 -33.49
N GLU A 155 5.29 -10.02 -34.04
CA GLU A 155 5.07 -10.52 -35.41
C GLU A 155 5.05 -9.30 -36.35
N ILE A 156 4.22 -9.32 -37.37
CA ILE A 156 4.12 -8.22 -38.31
C ILE A 156 2.66 -8.06 -38.77
N GLN A 157 2.10 -9.14 -39.32
CA GLN A 157 0.72 -9.15 -39.80
C GLN A 157 -0.24 -9.33 -38.62
N TYR B 30 37.29 -5.98 -19.23
CA TYR B 30 36.70 -7.00 -20.15
C TYR B 30 35.23 -6.69 -20.41
N ASP B 32 33.29 -5.82 -17.45
CA ASP B 32 33.04 -5.53 -16.03
C ASP B 32 32.53 -6.73 -15.21
N GLU B 33 33.42 -7.29 -14.38
CA GLU B 33 33.06 -8.43 -13.52
C GLU B 33 32.09 -8.08 -12.41
N ASP B 34 32.12 -6.84 -11.95
CA ASP B 34 31.22 -6.41 -10.88
C ASP B 34 29.80 -6.70 -11.33
N VAL B 35 29.47 -6.21 -12.51
CA VAL B 35 28.15 -6.43 -13.07
C VAL B 35 27.89 -7.92 -13.25
N ARG B 36 28.80 -8.59 -13.94
CA ARG B 36 28.65 -10.02 -14.19
C ARG B 36 28.34 -10.73 -12.88
N ASN B 37 29.07 -10.36 -11.84
CA ASN B 37 28.88 -10.92 -10.50
C ASN B 37 27.49 -10.66 -9.94
N THR B 38 27.12 -9.39 -9.89
CA THR B 38 25.82 -9.00 -9.39
C THR B 38 24.69 -9.79 -10.03
N LEU B 39 24.74 -9.92 -11.35
CA LEU B 39 23.70 -10.64 -12.06
C LEU B 39 23.62 -12.08 -11.61
N LYS B 40 24.78 -12.71 -11.52
CA LYS B 40 24.84 -14.11 -11.15
C LYS B 40 24.38 -14.34 -9.70
N GLU B 41 24.86 -13.54 -8.77
CA GLU B 41 24.48 -13.70 -7.37
C GLU B 41 22.99 -13.51 -7.21
N THR B 42 22.49 -12.45 -7.83
CA THR B 42 21.09 -12.12 -7.73
C THR B 42 20.23 -13.26 -8.22
N ALA B 43 20.57 -13.79 -9.37
CA ALA B 43 19.81 -14.88 -9.95
C ALA B 43 19.93 -16.12 -9.12
N PHE B 44 21.12 -16.37 -8.61
CA PHE B 44 21.36 -17.56 -7.82
C PHE B 44 20.54 -17.49 -6.54
N SER B 45 20.66 -16.36 -5.86
CA SER B 45 19.94 -16.13 -4.62
C SER B 45 18.48 -16.50 -4.77
N ILE B 46 17.85 -15.95 -5.81
CA ILE B 46 16.45 -16.19 -6.05
C ILE B 46 16.19 -17.65 -6.37
N SER B 47 17.08 -18.28 -7.13
CA SER B 47 16.92 -19.69 -7.47
C SER B 47 16.86 -20.58 -6.26
N GLU B 48 17.59 -20.20 -5.23
CA GLU B 48 17.70 -21.00 -4.03
C GLU B 48 16.57 -20.84 -3.03
N ILE B 49 15.60 -19.96 -3.32
CA ILE B 49 14.50 -19.74 -2.40
C ILE B 49 13.48 -20.87 -2.47
N PRO B 50 13.23 -21.53 -1.35
CA PRO B 50 12.28 -22.63 -1.38
C PRO B 50 10.95 -22.29 -2.03
N PHE B 51 10.31 -21.20 -1.61
CA PHE B 51 9.00 -20.86 -2.15
C PHE B 51 9.01 -20.50 -3.63
N ILE B 52 10.16 -20.05 -4.13
CA ILE B 52 10.28 -19.75 -5.55
C ILE B 52 10.25 -21.07 -6.33
N GLN B 53 10.90 -22.07 -5.78
CA GLN B 53 10.95 -23.39 -6.39
C GLN B 53 9.57 -24.03 -6.41
N GLU B 54 8.92 -24.07 -5.25
CA GLU B 54 7.58 -24.65 -5.15
C GLU B 54 6.61 -23.95 -6.10
N ASP B 55 6.68 -22.62 -6.15
CA ASP B 55 5.78 -21.86 -6.99
C ASP B 55 5.88 -22.24 -8.45
N LEU B 56 7.11 -22.39 -8.96
CA LEU B 56 7.28 -22.77 -10.36
C LEU B 56 6.79 -24.17 -10.62
N SER B 57 6.99 -25.04 -9.65
CA SER B 57 6.51 -26.40 -9.75
C SER B 57 4.98 -26.42 -9.84
N ASN B 58 4.32 -25.79 -8.87
CA ASN B 58 2.84 -25.74 -8.79
C ASN B 58 2.08 -25.18 -9.98
N GLY B 59 2.64 -24.20 -10.68
CA GLY B 59 1.97 -23.60 -11.82
C GLY B 59 0.92 -22.56 -11.43
N GLU B 60 0.65 -22.42 -10.15
CA GLU B 60 -0.32 -21.43 -9.68
C GLU B 60 0.32 -20.04 -9.74
N ILE B 61 -0.48 -19.03 -10.13
CA ILE B 61 0.02 -17.65 -10.19
C ILE B 61 -0.19 -16.96 -8.83
N ASN B 62 0.88 -16.41 -8.27
CA ASN B 62 0.83 -15.76 -6.96
C ASN B 62 1.41 -14.35 -7.02
N SER B 63 0.55 -13.36 -6.84
CA SER B 63 0.96 -11.96 -6.93
C SER B 63 2.02 -11.53 -5.92
N ARG B 64 2.12 -12.22 -4.78
CA ARG B 64 3.14 -11.87 -3.79
C ARG B 64 4.52 -12.25 -4.32
N ILE B 65 4.59 -13.35 -5.09
CA ILE B 65 5.85 -13.75 -5.69
C ILE B 65 6.20 -12.69 -6.74
N GLN B 66 5.18 -12.31 -7.48
CA GLN B 66 5.34 -11.33 -8.52
C GLN B 66 5.99 -10.09 -7.87
N GLU B 67 5.38 -9.64 -6.77
CA GLU B 67 5.86 -8.47 -6.04
C GLU B 67 7.29 -8.70 -5.50
N TYR B 68 7.58 -9.92 -5.05
CA TYR B 68 8.89 -10.25 -4.53
C TYR B 68 10.02 -9.86 -5.49
N THR B 69 9.82 -10.06 -6.79
CA THR B 69 10.85 -9.74 -7.77
C THR B 69 11.11 -8.25 -7.93
N LYS B 70 10.13 -7.44 -7.53
CA LYS B 70 10.23 -5.99 -7.70
C LYS B 70 11.36 -5.40 -6.86
N HIS B 71 11.65 -6.01 -5.71
CA HIS B 71 12.72 -5.51 -4.84
C HIS B 71 14.08 -5.45 -5.49
N PHE B 72 14.34 -6.38 -6.40
CA PHE B 72 15.64 -6.46 -7.03
C PHE B 72 15.86 -5.34 -8.02
N ILE B 73 14.82 -4.97 -8.75
CA ILE B 73 14.93 -3.87 -9.68
C ILE B 73 15.18 -2.60 -8.86
N GLU B 74 14.32 -2.36 -7.88
CA GLU B 74 14.37 -1.16 -7.01
C GLU B 74 15.68 -0.94 -6.27
N ALA B 75 16.14 -1.98 -5.59
CA ALA B 75 17.31 -1.90 -4.73
C ALA B 75 18.67 -2.18 -5.37
N ILE B 76 18.69 -2.83 -6.54
CA ILE B 76 19.97 -3.13 -7.19
C ILE B 76 20.07 -2.31 -8.45
N ASN B 77 21.05 -1.42 -8.45
CA ASN B 77 21.25 -0.51 -9.57
C ASN B 77 21.55 -1.21 -10.90
N ASP B 78 22.41 -2.23 -10.88
CA ASP B 78 22.77 -2.94 -12.10
C ASP B 78 21.73 -3.93 -12.64
N VAL B 79 20.58 -4.03 -12.00
CA VAL B 79 19.56 -4.96 -12.47
C VAL B 79 18.41 -4.20 -13.09
N ASP B 80 18.35 -4.23 -14.41
CA ASP B 80 17.31 -3.51 -15.15
C ASP B 80 16.17 -4.41 -15.54
N ILE B 81 16.39 -5.72 -15.51
CA ILE B 81 15.36 -6.67 -15.92
C ILE B 81 15.48 -7.96 -15.13
N ILE B 82 14.33 -8.49 -14.75
CA ILE B 82 14.28 -9.75 -14.03
C ILE B 82 13.09 -10.53 -14.55
N VAL B 83 13.35 -11.77 -14.93
CA VAL B 83 12.32 -12.62 -15.44
C VAL B 83 12.39 -13.96 -14.78
N VAL B 84 11.23 -14.46 -14.39
CA VAL B 84 11.11 -15.76 -13.79
C VAL B 84 10.14 -16.54 -14.66
N ALA B 85 10.61 -17.66 -15.19
CA ALA B 85 9.81 -18.46 -16.06
C ALA B 85 9.75 -19.89 -15.62
N ASP B 86 8.62 -20.52 -15.88
CA ASP B 86 8.47 -21.93 -15.60
C ASP B 86 8.68 -22.60 -16.94
N ARG B 88 6.65 -23.53 -19.08
CA ARG B 88 5.71 -23.08 -20.13
C ARG B 88 6.15 -21.72 -20.68
N GLY B 89 6.71 -20.89 -19.82
CA GLY B 89 7.16 -19.59 -20.25
C GLY B 89 7.25 -18.59 -19.12
N VAL B 90 7.43 -17.34 -19.49
CA VAL B 90 7.54 -16.25 -18.53
C VAL B 90 6.32 -16.25 -17.62
N LYS B 91 6.54 -16.27 -16.32
CA LYS B 91 5.47 -16.30 -15.34
C LYS B 91 5.43 -14.97 -14.59
N TYR B 92 6.57 -14.54 -14.05
CA TYR B 92 6.67 -13.26 -13.36
C TYR B 92 7.73 -12.43 -14.06
N SER B 93 7.61 -11.12 -13.97
CA SER B 93 8.57 -10.21 -14.63
C SER B 93 8.49 -8.78 -14.17
N HIS B 94 9.65 -8.14 -14.06
CA HIS B 94 9.73 -6.73 -13.67
C HIS B 94 10.88 -6.07 -14.39
N LEU B 95 10.71 -4.80 -14.72
CA LEU B 95 11.74 -4.02 -15.42
C LEU B 95 11.92 -2.66 -14.80
N ASP B 96 13.11 -2.08 -15.00
CA ASP B 96 13.36 -0.73 -14.54
C ASP B 96 12.72 0.14 -15.61
N GLU B 97 11.50 0.56 -15.31
CA GLU B 97 10.69 1.29 -16.25
C GLU B 97 11.33 2.55 -16.85
N LYS B 98 12.11 3.29 -16.06
CA LYS B 98 12.81 4.47 -16.60
C LYS B 98 13.88 3.99 -17.58
N GLN B 99 14.71 3.07 -17.14
CA GLN B 99 15.76 2.52 -17.98
C GLN B 99 15.25 1.97 -19.29
N ILE B 100 14.31 1.04 -19.23
CA ILE B 100 13.81 0.41 -20.44
C ILE B 100 13.00 1.39 -21.28
N GLY B 101 12.29 2.29 -20.64
CA GLY B 101 11.54 3.30 -21.38
C GLY B 101 12.42 4.07 -22.37
N GLN B 102 13.60 4.47 -21.93
CA GLN B 102 14.56 5.21 -22.79
C GLN B 102 14.89 4.46 -24.07
N VAL B 103 14.92 3.13 -24.00
CA VAL B 103 15.19 2.30 -25.16
C VAL B 103 14.22 2.62 -26.27
N PHE B 104 12.95 2.73 -25.92
CA PHE B 104 11.91 2.98 -26.90
C PHE B 104 11.74 4.45 -27.30
N VAL B 105 12.47 5.34 -26.65
CA VAL B 105 12.40 6.76 -26.96
C VAL B 105 13.62 7.23 -27.73
N ASN B 106 14.77 7.17 -27.08
CA ASN B 106 16.06 7.60 -27.62
C ASN B 106 16.10 7.95 -29.10
N GLU B 107 15.67 6.98 -29.90
CA GLU B 107 15.66 7.10 -31.33
C GLU B 107 14.41 7.88 -31.77
N ASP B 108 14.61 8.89 -32.61
CA ASP B 108 13.53 9.71 -33.16
C ASP B 108 12.84 10.68 -32.20
N LYS B 109 13.48 11.00 -31.10
CA LYS B 109 12.93 11.97 -30.16
C LYS B 109 13.35 13.39 -30.58
N LYS B 110 14.40 13.47 -31.39
CA LYS B 110 14.95 14.75 -31.81
C LYS B 110 13.91 15.69 -32.37
N GLU B 111 13.15 15.24 -33.35
CA GLU B 111 12.16 16.08 -33.98
C GLU B 111 11.19 16.79 -33.03
N VAL B 112 10.47 16.03 -32.21
CA VAL B 112 9.47 16.62 -31.31
C VAL B 112 10.13 17.58 -30.34
N LEU B 113 11.32 17.20 -29.86
CA LEU B 113 12.08 18.06 -28.94
C LEU B 113 12.59 19.38 -29.56
N THR B 114 12.98 19.34 -30.84
CA THR B 114 13.55 20.54 -31.48
C THR B 114 12.61 21.40 -32.30
N GLN B 115 11.64 20.78 -32.96
CA GLN B 115 10.70 21.55 -33.79
C GLN B 115 9.24 21.55 -33.30
N GLY B 116 9.03 21.01 -32.10
CA GLY B 116 7.71 20.94 -31.50
C GLY B 116 6.58 20.32 -32.33
N SER B 117 6.91 19.27 -33.09
CA SER B 117 5.91 18.61 -33.96
C SER B 117 5.48 17.21 -33.55
N SER B 118 4.26 16.88 -33.94
CA SER B 118 3.62 15.59 -33.63
C SER B 118 3.75 14.59 -34.77
N TYR B 119 4.04 13.33 -34.44
CA TYR B 119 4.21 12.32 -35.49
C TYR B 119 4.28 10.88 -35.01
N TYR B 120 4.19 9.95 -35.96
CA TYR B 120 4.32 8.52 -35.71
C TYR B 120 5.72 8.07 -36.11
N SER B 121 6.27 7.12 -35.37
CA SER B 121 7.56 6.60 -35.73
C SER B 121 7.68 5.15 -35.36
N LEU B 122 7.94 4.34 -36.38
CA LEU B 122 8.05 2.92 -36.22
C LEU B 122 9.49 2.54 -36.00
N LYS B 124 12.13 -0.47 -35.65
CA LYS B 124 12.37 -1.86 -35.92
C LYS B 124 13.46 -2.25 -34.94
N GLY B 125 13.22 -3.29 -34.16
CA GLY B 125 14.18 -3.71 -33.15
C GLY B 125 14.56 -2.57 -32.21
N SER B 126 15.76 -2.66 -31.63
CA SER B 126 16.24 -1.69 -30.66
C SER B 126 17.70 -1.37 -30.77
N GLY B 128 21.33 -0.39 -28.73
CA GLY B 128 21.99 -0.79 -27.53
C GLY B 128 22.10 -2.29 -27.40
N GLU B 129 22.51 -2.72 -26.22
CA GLU B 129 22.76 -4.10 -25.97
C GLU B 129 22.37 -4.44 -24.54
N THR B 130 22.01 -5.69 -24.29
CA THR B 130 21.57 -6.09 -22.95
C THR B 130 22.25 -7.40 -22.54
N LEU B 131 22.95 -7.34 -21.42
CA LEU B 131 23.67 -8.48 -20.89
C LEU B 131 22.77 -9.24 -19.96
N ARG B 132 22.58 -10.53 -20.23
CA ARG B 132 21.71 -11.35 -19.39
C ARG B 132 22.41 -12.56 -18.85
N TRP B 133 21.87 -13.08 -17.76
CA TRP B 133 22.38 -14.28 -17.15
C TRP B 133 21.20 -15.18 -16.91
N PHE B 134 21.30 -16.40 -17.42
CA PHE B 134 20.24 -17.39 -17.27
C PHE B 134 20.65 -18.38 -16.20
N GLN B 135 19.73 -18.66 -15.30
CA GLN B 135 19.94 -19.55 -14.18
C GLN B 135 18.76 -20.49 -14.09
N PRO B 136 19.01 -21.80 -14.18
CA PRO B 136 17.90 -22.73 -14.08
C PRO B 136 17.41 -22.80 -12.65
N VAL B 137 16.18 -23.32 -12.47
CA VAL B 137 15.61 -23.46 -11.14
C VAL B 137 15.22 -24.91 -10.95
N TYR B 139 13.72 -28.15 -8.32
CA TYR B 139 12.89 -28.51 -7.17
C TYR B 139 12.86 -30.02 -7.08
N ASN B 140 13.18 -30.55 -5.91
CA ASN B 140 13.21 -31.99 -5.71
C ASN B 140 13.97 -32.69 -6.81
N GLY B 141 15.10 -32.10 -7.21
CA GLY B 141 15.96 -32.70 -8.21
C GLY B 141 15.62 -32.42 -9.67
N LYS B 142 14.41 -31.99 -9.97
CA LYS B 142 14.04 -31.70 -11.36
C LYS B 142 13.98 -30.21 -11.64
N GLN B 143 14.32 -29.85 -12.86
CA GLN B 143 14.27 -28.45 -13.28
C GLN B 143 12.84 -28.03 -13.53
N VAL B 144 12.43 -26.95 -12.87
CA VAL B 144 11.04 -26.44 -12.98
C VAL B 144 10.92 -25.11 -13.71
N GLY B 145 12.05 -24.54 -14.11
CA GLY B 145 12.04 -23.27 -14.82
C GLY B 145 13.41 -22.63 -14.85
N PHE B 146 13.42 -21.31 -14.99
CA PHE B 146 14.68 -20.58 -15.00
C PHE B 146 14.46 -19.13 -14.61
N ILE B 147 15.54 -18.46 -14.31
CA ILE B 147 15.50 -17.07 -13.93
C ILE B 147 16.49 -16.35 -14.80
N VAL B 149 18.30 -12.58 -15.49
CA VAL B 149 18.56 -11.30 -14.86
C VAL B 149 19.46 -10.54 -15.82
N GLY B 150 19.14 -9.29 -16.10
CA GLY B 150 19.96 -8.53 -17.05
C GLY B 150 20.09 -7.06 -16.81
N LYS B 151 21.08 -6.49 -17.48
CA LYS B 151 21.36 -5.06 -17.42
C LYS B 151 21.37 -4.56 -18.84
N TYR B 152 20.82 -3.37 -19.04
CA TYR B 152 20.80 -2.78 -20.36
C TYR B 152 21.93 -1.73 -20.52
N TYR B 153 22.51 -1.68 -21.73
CA TYR B 153 23.59 -0.73 -22.10
C TYR B 153 23.34 -0.10 -23.46
N ASN B 154 24.08 0.97 -23.77
CA ASN B 154 23.96 1.64 -25.07
C ASN B 154 25.13 1.35 -26.01
N TYR C 30 -17.44 35.14 -5.82
CA TYR C 30 -16.59 35.10 -7.06
C TYR C 30 -16.96 33.92 -7.94
N ASP C 32 -15.80 33.66 -11.08
CA ASP C 32 -14.83 33.99 -12.10
C ASP C 32 -14.68 32.82 -13.08
N GLU C 33 -14.31 33.19 -14.29
CA GLU C 33 -14.18 32.25 -15.41
C GLU C 33 -13.06 31.25 -15.27
N ASP C 34 -11.99 31.60 -14.55
CA ASP C 34 -10.88 30.69 -14.34
C ASP C 34 -11.43 29.40 -13.75
N VAL C 35 -12.15 29.52 -12.64
CA VAL C 35 -12.75 28.39 -11.98
C VAL C 35 -13.71 27.69 -12.93
N ARG C 36 -14.65 28.45 -13.48
CA ARG C 36 -15.64 27.87 -14.36
C ARG C 36 -14.95 27.05 -15.44
N ASN C 37 -13.88 27.59 -15.98
CA ASN C 37 -13.13 26.90 -17.01
C ASN C 37 -12.49 25.60 -16.49
N THR C 38 -11.75 25.70 -15.39
CA THR C 38 -11.11 24.53 -14.82
C THR C 38 -12.09 23.38 -14.62
N LEU C 39 -13.27 23.70 -14.12
CA LEU C 39 -14.25 22.67 -13.87
C LEU C 39 -14.69 22.00 -15.17
N LYS C 40 -14.94 22.81 -16.18
CA LYS C 40 -15.40 22.31 -17.44
C LYS C 40 -14.33 21.47 -18.14
N GLU C 41 -13.09 21.96 -18.18
CA GLU C 41 -12.03 21.23 -18.85
C GLU C 41 -11.81 19.89 -18.17
N THR C 42 -11.76 19.94 -16.85
CA THR C 42 -11.50 18.76 -16.07
C THR C 42 -12.53 17.70 -16.34
N ALA C 43 -13.78 18.10 -16.32
CA ALA C 43 -14.88 17.18 -16.55
C ALA C 43 -14.87 16.67 -17.98
N PHE C 44 -14.55 17.55 -18.91
CA PHE C 44 -14.56 17.18 -20.30
C PHE C 44 -13.46 16.18 -20.55
N SER C 45 -12.27 16.50 -20.10
CA SER C 45 -11.15 15.64 -20.26
C SER C 45 -11.49 14.22 -19.83
N ILE C 46 -12.03 14.09 -18.64
CA ILE C 46 -12.37 12.77 -18.12
C ILE C 46 -13.47 12.10 -18.96
N SER C 47 -14.45 12.88 -19.42
CA SER C 47 -15.56 12.34 -20.24
C SER C 47 -15.04 11.74 -21.56
N GLU C 48 -13.93 12.28 -22.07
CA GLU C 48 -13.37 11.81 -23.32
C GLU C 48 -12.45 10.60 -23.23
N ILE C 49 -12.18 10.10 -22.03
CA ILE C 49 -11.29 8.94 -21.88
C ILE C 49 -12.00 7.64 -22.26
N PRO C 50 -11.48 6.95 -23.26
CA PRO C 50 -12.08 5.69 -23.67
C PRO C 50 -12.43 4.74 -22.50
N PHE C 51 -11.46 4.45 -21.63
CA PHE C 51 -11.71 3.49 -20.54
C PHE C 51 -12.74 3.96 -19.53
N ILE C 52 -12.93 5.27 -19.43
CA ILE C 52 -13.95 5.80 -18.53
C ILE C 52 -15.30 5.50 -19.13
N GLN C 53 -15.39 5.61 -20.43
CA GLN C 53 -16.64 5.35 -21.15
C GLN C 53 -17.01 3.88 -21.07
N GLU C 54 -16.05 3.02 -21.38
CA GLU C 54 -16.28 1.58 -21.31
C GLU C 54 -16.70 1.15 -19.91
N ASP C 55 -16.02 1.70 -18.90
CA ASP C 55 -16.31 1.34 -17.52
C ASP C 55 -17.75 1.63 -17.15
N LEU C 56 -18.25 2.81 -17.50
CA LEU C 56 -19.62 3.15 -17.17
C LEU C 56 -20.60 2.26 -17.90
N SER C 57 -20.26 1.91 -19.14
CA SER C 57 -21.11 1.04 -19.94
C SER C 57 -21.22 -0.33 -19.28
N ASN C 58 -20.07 -0.94 -19.02
CA ASN C 58 -19.98 -2.28 -18.40
C ASN C 58 -20.69 -2.49 -17.06
N GLY C 59 -20.71 -1.47 -16.21
CA GLY C 59 -21.34 -1.60 -14.91
C GLY C 59 -20.46 -2.26 -13.86
N GLU C 60 -19.30 -2.79 -14.26
CA GLU C 60 -18.39 -3.42 -13.34
C GLU C 60 -17.69 -2.34 -12.50
N ILE C 61 -17.47 -2.65 -11.22
CA ILE C 61 -16.79 -1.73 -10.35
C ILE C 61 -15.30 -2.01 -10.39
N ASN C 62 -14.52 -0.97 -10.69
CA ASN C 62 -13.09 -1.09 -10.80
C ASN C 62 -12.39 -0.07 -9.93
N SER C 63 -11.72 -0.55 -8.88
CA SER C 63 -11.03 0.31 -7.93
C SER C 63 -9.91 1.18 -8.53
N ARG C 64 -9.30 0.75 -9.63
CA ARG C 64 -8.25 1.56 -10.28
C ARG C 64 -8.90 2.81 -10.91
N ILE C 65 -10.13 2.69 -11.42
CA ILE C 65 -10.82 3.85 -11.97
C ILE C 65 -11.15 4.76 -10.82
N GLN C 66 -11.59 4.16 -9.74
CA GLN C 66 -11.95 4.89 -8.56
C GLN C 66 -10.71 5.74 -8.20
N GLU C 67 -9.55 5.07 -8.11
CA GLU C 67 -8.31 5.75 -7.76
C GLU C 67 -7.95 6.82 -8.81
N TYR C 68 -8.23 6.56 -10.09
CA TYR C 68 -7.95 7.51 -11.17
C TYR C 68 -8.54 8.90 -10.89
N THR C 69 -9.72 8.96 -10.30
CA THR C 69 -10.36 10.25 -10.01
C THR C 69 -9.67 11.03 -8.91
N LYS C 70 -8.90 10.34 -8.07
CA LYS C 70 -8.27 10.97 -6.92
C LYS C 70 -7.23 11.98 -7.36
N HIS C 71 -6.59 11.76 -8.50
CA HIS C 71 -5.57 12.69 -9.00
C HIS C 71 -6.05 14.12 -9.21
N PHE C 72 -7.31 14.25 -9.58
CA PHE C 72 -7.87 15.56 -9.86
C PHE C 72 -8.08 16.38 -8.62
N ILE C 73 -8.51 15.73 -7.54
CA ILE C 73 -8.67 16.43 -6.27
C ILE C 73 -7.28 16.89 -5.82
N GLU C 74 -6.33 15.96 -5.79
CA GLU C 74 -4.95 16.20 -5.32
C GLU C 74 -4.19 17.27 -6.06
N ALA C 75 -4.18 17.17 -7.37
CA ALA C 75 -3.40 18.06 -8.21
C ALA C 75 -4.08 19.34 -8.66
N ILE C 76 -5.41 19.43 -8.59
CA ILE C 76 -6.10 20.66 -9.02
C ILE C 76 -6.72 21.34 -7.80
N ASN C 77 -6.23 22.53 -7.50
CA ASN C 77 -6.67 23.28 -6.33
C ASN C 77 -8.15 23.61 -6.34
N ASP C 78 -8.66 24.04 -7.47
CA ASP C 78 -10.08 24.43 -7.58
C ASP C 78 -11.07 23.29 -7.64
N VAL C 79 -10.62 22.04 -7.59
CA VAL C 79 -11.52 20.92 -7.63
C VAL C 79 -11.63 20.29 -6.26
N ASP C 80 -12.75 20.52 -5.59
CA ASP C 80 -12.98 19.97 -4.24
C ASP C 80 -13.82 18.72 -4.28
N ILE C 81 -14.48 18.48 -5.40
CA ILE C 81 -15.34 17.31 -5.51
C ILE C 81 -15.44 16.83 -6.93
N ILE C 82 -15.45 15.50 -7.07
CA ILE C 82 -15.55 14.87 -8.36
C ILE C 82 -16.44 13.65 -8.21
N VAL C 83 -17.44 13.56 -9.06
CA VAL C 83 -18.36 12.46 -9.03
C VAL C 83 -18.54 11.90 -10.41
N VAL C 84 -18.51 10.58 -10.50
CA VAL C 84 -18.71 9.88 -11.74
C VAL C 84 -19.86 8.94 -11.49
N ALA C 85 -20.90 9.12 -12.27
CA ALA C 85 -22.07 8.31 -12.11
C ALA C 85 -22.45 7.64 -13.41
N ASP C 86 -23.00 6.44 -13.29
CA ASP C 86 -23.54 5.73 -14.44
C ASP C 86 -25.06 5.98 -14.37
N ARG C 88 -27.36 4.28 -13.17
CA ARG C 88 -28.01 3.85 -11.92
C ARG C 88 -27.73 4.89 -10.82
N GLY C 89 -26.57 5.50 -10.85
CA GLY C 89 -26.23 6.48 -9.84
C GLY C 89 -24.74 6.67 -9.66
N VAL C 90 -24.38 7.37 -8.60
CA VAL C 90 -22.99 7.61 -8.30
C VAL C 90 -22.25 6.28 -8.23
N LYS C 91 -21.14 6.18 -8.96
CA LYS C 91 -20.35 4.98 -9.01
C LYS C 91 -19.00 5.22 -8.34
N TYR C 92 -18.30 6.25 -8.77
CA TYR C 92 -17.02 6.60 -8.19
C TYR C 92 -17.17 8.01 -7.65
N SER C 93 -16.35 8.34 -6.66
CA SER C 93 -16.40 9.66 -6.06
C SER C 93 -15.20 9.97 -5.18
N HIS C 94 -14.73 11.21 -5.25
CA HIS C 94 -13.66 11.67 -4.39
C HIS C 94 -13.87 13.12 -4.02
N LEU C 95 -13.50 13.45 -2.80
CA LEU C 95 -13.66 14.80 -2.27
C LEU C 95 -12.41 15.25 -1.59
N ASP C 96 -12.24 16.57 -1.49
CA ASP C 96 -11.11 17.14 -0.75
C ASP C 96 -11.57 17.04 0.70
N GLU C 97 -11.14 15.97 1.35
CA GLU C 97 -11.57 15.63 2.69
C GLU C 97 -11.40 16.73 3.73
N LYS C 98 -10.32 17.51 3.64
CA LYS C 98 -10.15 18.61 4.58
C LYS C 98 -11.20 19.66 4.31
N GLN C 99 -11.29 20.10 3.05
CA GLN C 99 -12.24 21.12 2.66
C GLN C 99 -13.65 20.74 3.04
N ILE C 100 -14.11 19.59 2.60
CA ILE C 100 -15.49 19.20 2.87
C ILE C 100 -15.73 18.87 4.33
N GLY C 101 -14.72 18.30 4.99
CA GLY C 101 -14.88 17.99 6.41
C GLY C 101 -15.30 19.21 7.22
N GLN C 102 -14.66 20.35 6.96
CA GLN C 102 -14.96 21.60 7.69
C GLN C 102 -16.42 21.98 7.61
N VAL C 103 -17.03 21.68 6.47
CA VAL C 103 -18.45 21.97 6.27
C VAL C 103 -19.29 21.35 7.38
N PHE C 104 -18.99 20.10 7.71
CA PHE C 104 -19.73 19.35 8.71
C PHE C 104 -19.32 19.61 10.16
N VAL C 105 -18.25 20.37 10.35
CA VAL C 105 -17.78 20.65 11.69
C VAL C 105 -18.15 22.06 12.13
N ASN C 106 -17.59 23.02 11.42
CA ASN C 106 -17.80 24.44 11.73
C ASN C 106 -18.95 24.82 12.68
N GLU C 107 -20.12 24.31 12.37
CA GLU C 107 -21.32 24.63 13.13
C GLU C 107 -21.50 23.82 14.41
N ASP C 108 -21.77 24.50 15.53
CA ASP C 108 -22.06 23.86 16.83
C ASP C 108 -20.86 23.20 17.50
N LYS C 109 -19.67 23.64 17.13
CA LYS C 109 -18.45 23.11 17.72
C LYS C 109 -18.10 23.88 18.99
N LYS C 110 -18.65 25.09 19.11
CA LYS C 110 -18.35 25.96 20.26
C LYS C 110 -18.50 25.27 21.61
N GLU C 111 -19.65 24.67 21.87
CA GLU C 111 -19.88 24.00 23.15
C GLU C 111 -18.81 23.00 23.62
N VAL C 112 -18.54 21.97 22.81
CA VAL C 112 -17.55 20.96 23.19
C VAL C 112 -16.18 21.60 23.39
N LEU C 113 -15.83 22.56 22.54
CA LEU C 113 -14.54 23.27 22.65
C LEU C 113 -14.40 24.13 23.88
N THR C 114 -15.49 24.77 24.30
CA THR C 114 -15.41 25.68 25.45
C THR C 114 -15.76 25.04 26.80
N GLN C 115 -16.69 24.09 26.81
CA GLN C 115 -16.91 23.29 28.01
C GLN C 115 -16.25 22.02 27.59
N GLY C 116 -16.55 20.93 28.27
CA GLY C 116 -16.07 19.62 27.86
C GLY C 116 -17.34 18.84 27.77
N SER C 117 -18.29 19.38 27.01
CA SER C 117 -19.57 18.77 26.93
C SER C 117 -19.68 17.82 25.76
N SER C 118 -20.14 16.59 26.03
CA SER C 118 -20.41 15.62 24.99
C SER C 118 -21.90 15.76 24.63
N TYR C 119 -22.22 15.73 23.33
CA TYR C 119 -23.62 15.91 22.90
C TYR C 119 -23.89 15.57 21.44
N TYR C 120 -25.18 15.50 21.13
CA TYR C 120 -25.65 15.27 19.77
C TYR C 120 -26.11 16.57 19.15
N SER C 121 -25.88 16.74 17.85
CA SER C 121 -26.40 17.92 17.16
C SER C 121 -26.78 17.64 15.72
N LEU C 122 -28.02 17.98 15.40
CA LEU C 122 -28.56 17.80 14.06
C LEU C 122 -28.31 19.02 13.25
N LYS C 124 -28.99 20.66 9.60
CA LYS C 124 -29.73 20.62 8.30
C LYS C 124 -29.60 21.97 7.61
N GLY C 125 -28.93 22.08 6.48
CA GLY C 125 -28.30 21.00 5.80
C GLY C 125 -26.84 21.34 5.95
N SER C 126 -26.44 22.37 5.22
CA SER C 126 -25.06 22.82 5.23
C SER C 126 -24.90 24.31 5.00
N GLY C 128 -22.59 27.58 3.38
CA GLY C 128 -21.84 27.85 2.18
C GLY C 128 -22.54 27.48 0.89
N GLU C 129 -21.78 27.48 -0.20
CA GLU C 129 -22.32 27.19 -1.52
C GLU C 129 -21.28 26.39 -2.32
N THR C 130 -21.75 25.59 -3.27
CA THR C 130 -20.87 24.77 -4.07
C THR C 130 -21.22 24.88 -5.57
N LEU C 131 -20.24 25.31 -6.36
CA LEU C 131 -20.41 25.46 -7.80
C LEU C 131 -20.08 24.17 -8.49
N ARG C 132 -21.02 23.64 -9.27
CA ARG C 132 -20.78 22.39 -9.96
C ARG C 132 -20.98 22.48 -11.46
N TRP C 133 -20.35 21.56 -12.18
CA TRP C 133 -20.50 21.46 -13.61
C TRP C 133 -20.84 20.02 -13.94
N PHE C 134 -21.92 19.82 -14.68
CA PHE C 134 -22.36 18.48 -15.07
C PHE C 134 -22.05 18.22 -16.52
N GLN C 135 -21.45 17.07 -16.77
CA GLN C 135 -21.00 16.68 -18.09
C GLN C 135 -21.46 15.26 -18.36
N PRO C 136 -22.28 15.04 -19.39
CA PRO C 136 -22.69 13.68 -19.71
C PRO C 136 -21.53 12.87 -20.25
N VAL C 137 -21.64 11.55 -20.22
CA VAL C 137 -20.62 10.65 -20.76
C VAL C 137 -21.27 9.74 -21.79
N TYR C 139 -20.85 6.65 -24.93
CA TYR C 139 -20.08 5.51 -25.44
C TYR C 139 -20.82 4.95 -26.64
N ASN C 140 -20.13 4.83 -27.76
CA ASN C 140 -20.73 4.32 -28.97
C ASN C 140 -22.05 5.01 -29.29
N GLY C 141 -22.07 6.32 -29.10
CA GLY C 141 -23.26 7.11 -29.40
C GLY C 141 -24.34 7.20 -28.34
N LYS C 142 -24.35 6.31 -27.35
CA LYS C 142 -25.36 6.37 -26.28
C LYS C 142 -24.78 6.89 -24.97
N GLN C 143 -25.60 7.62 -24.22
CA GLN C 143 -25.17 8.18 -22.95
C GLN C 143 -25.14 7.07 -21.91
N VAL C 144 -23.98 6.93 -21.24
CA VAL C 144 -23.81 5.90 -20.22
C VAL C 144 -23.69 6.43 -18.80
N GLY C 145 -23.74 7.75 -18.64
CA GLY C 145 -23.64 8.34 -17.32
C GLY C 145 -23.30 9.82 -17.39
N PHE C 146 -22.70 10.32 -16.33
CA PHE C 146 -22.30 11.72 -16.29
C PHE C 146 -21.19 11.94 -15.30
N ILE C 147 -20.56 13.10 -15.39
N ILE C 147 -20.56 13.10 -15.38
CA ILE C 147 -19.48 13.45 -14.48
CA ILE C 147 -19.48 13.46 -14.49
C ILE C 147 -19.77 14.81 -13.92
C ILE C 147 -19.76 14.81 -13.93
N VAL C 149 -18.24 17.92 -11.48
CA VAL C 149 -17.01 18.45 -10.90
C VAL C 149 -17.36 19.76 -10.23
N GLY C 150 -16.89 19.97 -9.00
CA GLY C 150 -17.26 21.18 -8.29
C GLY C 150 -16.25 21.75 -7.32
N LYS C 151 -16.50 22.99 -6.92
CA LYS C 151 -15.68 23.70 -5.97
C LYS C 151 -16.57 24.22 -4.87
N TYR C 152 -16.10 24.15 -3.64
CA TYR C 152 -16.87 24.60 -2.50
C TYR C 152 -16.43 25.99 -2.05
N TYR C 153 -17.40 26.79 -1.64
CA TYR C 153 -17.16 28.14 -1.13
C TYR C 153 -17.85 28.24 0.24
N ASN C 154 -17.15 28.74 1.26
CA ASN C 154 -17.78 28.94 2.58
C ASN C 154 -18.22 30.40 2.72
N GLU C 155 -17.46 31.30 2.09
CA GLU C 155 -17.80 32.72 2.04
C GLU C 155 -18.60 32.96 0.75
N ILE C 156 -18.39 34.09 0.08
CA ILE C 156 -19.09 34.41 -1.16
C ILE C 156 -18.10 35.09 -2.09
N GLN C 157 -17.53 36.20 -1.60
CA GLN C 157 -16.46 36.94 -2.29
C GLN C 157 -15.26 37.04 -1.37
N TYR D 30 -36.23 12.09 19.08
CA TYR D 30 -36.18 10.61 19.11
C TYR D 30 -34.97 10.04 18.37
N ASP D 32 -32.90 7.15 16.34
CA ASP D 32 -32.77 5.70 16.30
C ASP D 32 -31.62 5.50 17.24
N GLU D 33 -31.82 4.78 18.34
CA GLU D 33 -30.78 4.58 19.34
C GLU D 33 -29.56 3.78 18.89
N ASP D 34 -29.76 2.85 17.98
CA ASP D 34 -28.68 2.03 17.46
C ASP D 34 -27.60 2.98 16.92
N VAL D 35 -28.04 3.87 16.05
CA VAL D 35 -27.15 4.85 15.46
C VAL D 35 -26.55 5.73 16.53
N ARG D 36 -27.40 6.33 17.35
CA ARG D 36 -26.92 7.22 18.40
C ARG D 36 -25.82 6.52 19.18
N ASN D 37 -26.04 5.25 19.47
CA ASN D 37 -25.08 4.49 20.23
C ASN D 37 -23.78 4.31 19.47
N THR D 38 -23.86 3.79 18.25
CA THR D 38 -22.67 3.58 17.43
C THR D 38 -21.79 4.84 17.35
N LEU D 39 -22.42 6.00 17.17
CA LEU D 39 -21.67 7.24 17.09
C LEU D 39 -20.93 7.53 18.39
N LYS D 40 -21.63 7.36 19.50
CA LYS D 40 -21.06 7.65 20.79
C LYS D 40 -19.92 6.70 21.12
N GLU D 41 -20.13 5.41 20.93
CA GLU D 41 -19.09 4.42 21.25
C GLU D 41 -17.86 4.67 20.41
N THR D 42 -18.08 4.88 19.12
CA THR D 42 -17.00 5.09 18.19
C THR D 42 -16.16 6.28 18.60
N ALA D 43 -16.83 7.38 18.92
CA ALA D 43 -16.13 8.58 19.32
C ALA D 43 -15.43 8.39 20.63
N PHE D 44 -16.08 7.69 21.53
CA PHE D 44 -15.52 7.49 22.86
C PHE D 44 -14.27 6.65 22.74
N SER D 45 -14.40 5.55 22.03
CA SER D 45 -13.29 4.64 21.83
C SER D 45 -12.04 5.39 21.38
N ILE D 46 -12.20 6.20 20.34
CA ILE D 46 -11.09 6.97 19.81
C ILE D 46 -10.57 7.97 20.83
N SER D 47 -11.46 8.59 21.59
CA SER D 47 -11.05 9.56 22.60
C SER D 47 -10.12 8.96 23.63
N GLU D 48 -10.36 7.69 23.92
CA GLU D 48 -9.61 7.01 24.97
C GLU D 48 -8.25 6.45 24.54
N ILE D 49 -7.89 6.61 23.27
CA ILE D 49 -6.61 6.09 22.79
C ILE D 49 -5.47 6.98 23.21
N PRO D 50 -4.50 6.41 23.95
CA PRO D 50 -3.40 7.22 24.41
C PRO D 50 -2.74 8.05 23.31
N PHE D 51 -2.36 7.42 22.20
CA PHE D 51 -1.65 8.15 21.16
C PHE D 51 -2.49 9.21 20.48
N ILE D 52 -3.81 9.08 20.53
CA ILE D 52 -4.69 10.09 19.96
C ILE D 52 -4.61 11.33 20.85
N GLN D 53 -4.54 11.11 22.15
CA GLN D 53 -4.46 12.19 23.11
C GLN D 53 -3.13 12.93 22.98
N GLU D 54 -2.04 12.19 22.99
CA GLU D 54 -0.71 12.78 22.87
C GLU D 54 -0.58 13.57 21.58
N ASP D 55 -1.10 13.01 20.50
CA ASP D 55 -1.01 13.66 19.21
C ASP D 55 -1.67 15.03 19.20
N LEU D 56 -2.87 15.13 19.76
CA LEU D 56 -3.55 16.42 19.80
C LEU D 56 -2.82 17.41 20.68
N SER D 57 -2.24 16.91 21.76
CA SER D 57 -1.48 17.76 22.64
C SER D 57 -0.27 18.34 21.90
N ASN D 58 0.54 17.46 21.31
CA ASN D 58 1.78 17.84 20.58
C ASN D 58 1.65 18.84 19.44
N GLY D 59 0.54 18.80 18.71
CA GLY D 59 0.35 19.71 17.59
C GLY D 59 1.04 19.27 16.32
N GLU D 60 1.86 18.22 16.39
CA GLU D 60 2.55 17.71 15.21
C GLU D 60 1.56 16.93 14.35
N ILE D 61 1.71 17.05 13.03
CA ILE D 61 0.84 16.31 12.12
C ILE D 61 1.44 14.95 11.77
N ASN D 62 0.65 13.90 11.96
CA ASN D 62 1.10 12.53 11.73
C ASN D 62 0.15 11.77 10.81
N SER D 63 0.61 11.46 9.61
CA SER D 63 -0.21 10.77 8.61
C SER D 63 -0.73 9.40 9.02
N ARG D 64 -0.05 8.71 9.93
CA ARG D 64 -0.52 7.41 10.40
C ARG D 64 -1.77 7.59 11.24
N ILE D 65 -1.84 8.68 12.00
CA ILE D 65 -3.05 8.96 12.77
C ILE D 65 -4.16 9.27 11.79
N GLN D 66 -3.81 10.05 10.78
CA GLN D 66 -4.76 10.44 9.77
C GLN D 66 -5.36 9.14 9.20
N GLU D 67 -4.48 8.21 8.83
CA GLU D 67 -4.91 6.92 8.27
C GLU D 67 -5.75 6.12 9.28
N TYR D 68 -5.37 6.19 10.56
CA TYR D 68 -6.10 5.48 11.61
C TYR D 68 -7.61 5.74 11.58
N THR D 69 -7.99 6.99 11.31
CA THR D 69 -9.41 7.36 11.28
C THR D 69 -10.17 6.74 10.10
N LYS D 70 -9.45 6.37 9.06
CA LYS D 70 -10.07 5.84 7.85
C LYS D 70 -10.78 4.51 8.11
N HIS D 71 -10.28 3.73 9.06
CA HIS D 71 -10.89 2.42 9.38
C HIS D 71 -12.34 2.51 9.81
N PHE D 72 -12.68 3.60 10.49
CA PHE D 72 -14.01 3.75 11.01
C PHE D 72 -15.03 4.01 9.92
N ILE D 73 -14.65 4.80 8.93
CA ILE D 73 -15.54 5.05 7.81
C ILE D 73 -15.76 3.74 7.08
N GLU D 74 -14.67 3.08 6.72
CA GLU D 74 -14.68 1.80 5.97
C GLU D 74 -15.47 0.67 6.61
N ALA D 75 -15.17 0.40 7.87
CA ALA D 75 -15.76 -0.73 8.59
C ALA D 75 -17.08 -0.49 9.32
N ILE D 76 -17.46 0.76 9.57
CA ILE D 76 -18.70 1.05 10.27
C ILE D 76 -19.66 1.71 9.32
N ASN D 77 -20.75 1.00 9.03
CA ASN D 77 -21.74 1.47 8.09
C ASN D 77 -22.38 2.80 8.47
N ASP D 78 -22.75 2.96 9.74
CA ASP D 78 -23.40 4.19 10.19
C ASP D 78 -22.50 5.41 10.39
N VAL D 79 -21.20 5.28 10.11
CA VAL D 79 -20.31 6.40 10.25
C VAL D 79 -19.92 6.95 8.90
N ASP D 80 -20.49 8.11 8.55
CA ASP D 80 -20.23 8.74 7.25
C ASP D 80 -19.19 9.83 7.36
N ILE D 81 -18.92 10.31 8.56
CA ILE D 81 -17.97 11.39 8.76
C ILE D 81 -17.28 11.26 10.10
N ILE D 82 -15.99 11.54 10.09
CA ILE D 82 -15.20 11.50 11.30
C ILE D 82 -14.23 12.67 11.26
N VAL D 83 -14.22 13.45 12.32
CA VAL D 83 -13.36 14.59 12.40
C VAL D 83 -12.66 14.60 13.74
N VAL D 84 -11.36 14.86 13.70
CA VAL D 84 -10.57 14.97 14.89
C VAL D 84 -9.95 16.35 14.85
N ALA D 85 -10.22 17.13 15.88
CA ALA D 85 -9.73 18.50 15.94
C ALA D 85 -9.02 18.77 17.22
N ASP D 86 -8.01 19.63 17.14
CA ASP D 86 -7.29 20.06 18.32
C ASP D 86 -7.90 21.42 18.64
N ARG D 88 -6.97 24.26 17.88
CA ARG D 88 -6.87 25.25 16.79
C ARG D 88 -7.92 24.98 15.72
N GLY D 89 -8.22 23.70 15.51
CA GLY D 89 -9.22 23.34 14.53
C GLY D 89 -9.07 21.93 14.04
N VAL D 90 -9.79 21.62 12.97
CA VAL D 90 -9.77 20.30 12.36
C VAL D 90 -8.34 19.94 12.00
N LYS D 91 -7.90 18.77 12.46
CA LYS D 91 -6.54 18.30 12.21
C LYS D 91 -6.58 17.11 11.28
N TYR D 92 -7.38 16.10 11.60
CA TYR D 92 -7.53 14.93 10.76
C TYR D 92 -9.01 14.82 10.39
N SER D 93 -9.30 14.18 9.26
CA SER D 93 -10.68 14.04 8.80
C SER D 93 -10.85 13.04 7.67
N HIS D 94 -11.94 12.30 7.71
CA HIS D 94 -12.28 11.34 6.68
C HIS D 94 -13.78 11.27 6.50
N LEU D 95 -14.21 11.03 5.27
CA LEU D 95 -15.63 10.96 4.93
C LEU D 95 -15.93 9.77 4.04
N ASP D 96 -17.17 9.32 4.06
CA ASP D 96 -17.60 8.25 3.17
C ASP D 96 -17.86 8.97 1.86
N GLU D 97 -16.85 8.91 1.00
CA GLU D 97 -16.87 9.64 -0.26
C GLU D 97 -18.08 9.38 -1.17
N LYS D 98 -18.58 8.15 -1.22
CA LYS D 98 -19.78 7.87 -2.01
C LYS D 98 -20.97 8.56 -1.32
N GLN D 99 -21.15 8.33 -0.04
CA GLN D 99 -22.24 8.93 0.72
C GLN D 99 -22.29 10.45 0.60
N ILE D 100 -21.20 11.10 0.93
CA ILE D 100 -21.17 12.56 0.91
C ILE D 100 -21.23 13.09 -0.52
N GLY D 101 -20.62 12.38 -1.46
CA GLY D 101 -20.68 12.81 -2.84
C GLY D 101 -22.11 13.02 -3.32
N GLN D 102 -22.99 12.09 -2.98
CA GLN D 102 -24.41 12.17 -3.37
C GLN D 102 -25.06 13.48 -2.92
N VAL D 103 -24.63 13.99 -1.79
CA VAL D 103 -25.15 15.25 -1.25
C VAL D 103 -24.99 16.36 -2.26
N PHE D 104 -23.82 16.41 -2.88
CA PHE D 104 -23.51 17.45 -3.84
C PHE D 104 -24.05 17.20 -5.25
N VAL D 105 -24.61 16.03 -5.49
CA VAL D 105 -25.14 15.69 -6.80
C VAL D 105 -26.66 15.73 -6.83
N ASN D 106 -27.26 14.84 -6.06
CA ASN D 106 -28.70 14.67 -5.95
C ASN D 106 -29.60 15.74 -6.56
N GLU D 107 -29.39 16.96 -6.12
CA GLU D 107 -30.30 18.04 -6.47
C GLU D 107 -30.53 18.43 -7.94
N ASP D 108 -29.48 18.62 -8.72
CA ASP D 108 -29.66 19.11 -10.11
C ASP D 108 -29.10 18.18 -11.15
N LYS D 109 -29.27 16.89 -10.89
CA LYS D 109 -28.75 15.87 -11.76
C LYS D 109 -29.74 15.49 -12.86
N LYS D 110 -31.01 15.80 -12.63
CA LYS D 110 -32.07 15.41 -13.56
C LYS D 110 -31.77 15.79 -15.00
N GLU D 111 -31.47 17.05 -15.23
CA GLU D 111 -31.22 17.52 -16.58
C GLU D 111 -30.20 16.73 -17.38
N VAL D 112 -28.98 16.60 -16.86
CA VAL D 112 -27.93 15.90 -17.60
C VAL D 112 -28.31 14.45 -17.83
N LEU D 113 -28.95 13.84 -16.85
CA LEU D 113 -29.40 12.44 -16.97
C LEU D 113 -30.52 12.22 -17.99
N THR D 114 -31.43 13.17 -18.11
CA THR D 114 -32.58 12.99 -19.00
C THR D 114 -32.46 13.59 -20.38
N GLN D 115 -31.77 14.73 -20.50
CA GLN D 115 -31.65 15.39 -21.80
C GLN D 115 -30.22 15.46 -22.36
N GLY D 116 -29.30 14.76 -21.70
CA GLY D 116 -27.91 14.70 -22.10
C GLY D 116 -27.19 16.02 -22.30
N SER D 117 -27.51 17.04 -21.50
CA SER D 117 -26.90 18.38 -21.67
C SER D 117 -25.91 18.79 -20.58
N SER D 118 -24.98 19.65 -21.00
CA SER D 118 -23.90 20.17 -20.15
C SER D 118 -24.26 21.52 -19.54
N TYR D 119 -23.95 21.72 -18.26
CA TYR D 119 -24.27 23.00 -17.61
C TYR D 119 -23.63 23.21 -16.24
N TYR D 120 -23.73 24.45 -15.77
CA TYR D 120 -23.25 24.83 -14.44
C TYR D 120 -24.44 24.95 -13.49
N SER D 121 -24.23 24.58 -12.24
CA SER D 121 -25.29 24.69 -11.26
C SER D 121 -24.76 24.98 -9.88
N LEU D 122 -25.22 26.10 -9.34
CA LEU D 122 -24.81 26.55 -8.03
C LEU D 122 -25.77 26.07 -6.98
N LYS D 124 -26.85 26.23 -3.13
CA LYS D 124 -26.74 27.00 -1.91
C LYS D 124 -26.97 25.98 -0.79
N GLY D 125 -26.02 25.89 0.13
CA GLY D 125 -26.12 24.91 1.21
C GLY D 125 -26.32 23.50 0.68
N SER D 126 -26.91 22.65 1.50
CA SER D 126 -27.16 21.26 1.12
C SER D 126 -28.52 20.76 1.64
N GLY D 128 -30.98 17.55 3.12
CA GLY D 128 -30.85 16.48 4.07
C GLY D 128 -30.40 16.98 5.42
N GLU D 129 -30.08 16.04 6.29
CA GLU D 129 -29.66 16.36 7.64
C GLU D 129 -28.55 15.40 8.05
N THR D 130 -27.71 15.86 8.98
CA THR D 130 -26.59 15.06 9.45
C THR D 130 -26.52 15.06 10.97
N LEU D 131 -26.60 13.88 11.55
CA LEU D 131 -26.57 13.71 13.00
C LEU D 131 -25.14 13.55 13.44
N ARG D 132 -24.70 14.40 14.36
CA ARG D 132 -23.33 14.34 14.84
C ARG D 132 -23.25 14.22 16.33
N TRP D 133 -22.12 13.70 16.79
CA TRP D 133 -21.85 13.55 18.18
C TRP D 133 -20.49 14.12 18.44
N PHE D 134 -20.43 15.06 19.37
CA PHE D 134 -19.17 15.71 19.73
C PHE D 134 -18.67 15.14 21.04
N GLN D 135 -17.40 14.78 21.06
CA GLN D 135 -16.76 14.17 22.20
C GLN D 135 -15.46 14.88 22.44
N PRO D 136 -15.29 15.46 23.63
CA PRO D 136 -14.04 16.14 23.90
C PRO D 136 -12.92 15.13 24.10
N VAL D 137 -11.68 15.59 24.01
CA VAL D 137 -10.53 14.73 24.19
C VAL D 137 -9.65 15.34 25.27
N TYR D 139 -6.11 15.02 27.94
CA TYR D 139 -4.77 14.49 28.13
C TYR D 139 -4.22 15.09 29.41
N ASN D 140 -3.75 14.24 30.32
CA ASN D 140 -3.21 14.69 31.58
C ASN D 140 -4.15 15.69 32.26
N GLY D 141 -5.44 15.41 32.20
CA GLY D 141 -6.44 16.24 32.85
C GLY D 141 -6.95 17.47 32.10
N LYS D 142 -6.23 17.91 31.06
CA LYS D 142 -6.67 19.08 30.31
C LYS D 142 -7.22 18.69 28.93
N GLN D 143 -8.21 19.43 28.46
CA GLN D 143 -8.84 19.16 27.17
C GLN D 143 -7.93 19.63 26.06
N VAL D 144 -7.63 18.73 25.13
CA VAL D 144 -6.71 19.04 24.02
C VAL D 144 -7.39 19.10 22.65
N GLY D 145 -8.68 18.82 22.61
CA GLY D 145 -9.42 18.87 21.36
C GLY D 145 -10.76 18.17 21.47
N PHE D 146 -11.26 17.70 20.34
CA PHE D 146 -12.52 16.98 20.33
C PHE D 146 -12.62 16.09 19.10
N ILE D 147 -13.59 15.19 19.14
CA ILE D 147 -13.80 14.27 18.04
C ILE D 147 -15.26 14.34 17.68
N VAL D 149 -18.28 12.69 15.24
CA VAL D 149 -18.61 11.53 14.44
C VAL D 149 -20.03 11.71 14.00
N GLY D 150 -20.31 11.49 12.72
CA GLY D 150 -21.67 11.69 12.24
C GLY D 150 -22.14 10.81 11.12
N LYS D 151 -23.46 10.82 10.94
CA LYS D 151 -24.11 10.04 9.91
C LYS D 151 -24.97 11.00 9.12
N TYR D 152 -25.00 10.81 7.81
CA TYR D 152 -25.80 11.66 6.95
C TYR D 152 -27.12 10.98 6.58
N TYR D 153 -28.19 11.79 6.51
CA TYR D 153 -29.54 11.33 6.13
C TYR D 153 -30.14 12.24 5.08
N ASN D 154 -30.94 11.67 4.20
CA ASN D 154 -31.68 12.46 3.21
C ASN D 154 -33.08 12.74 3.75
N GLU D 155 -33.64 11.76 4.49
CA GLU D 155 -34.96 11.91 5.11
C GLU D 155 -34.97 11.15 6.44
N ASP E 26 13.37 -9.18 54.01
CA ASP E 26 12.17 -8.38 53.57
C ASP E 26 12.17 -8.16 52.07
N LYS E 27 11.12 -8.67 51.43
CA LYS E 27 10.97 -8.56 49.98
C LYS E 27 10.45 -7.17 49.57
N LEU E 28 10.58 -6.85 48.29
CA LEU E 28 10.10 -5.56 47.75
C LEU E 28 9.64 -5.67 46.29
N SER E 29 8.34 -5.86 46.08
CA SER E 29 7.81 -5.96 44.72
C SER E 29 7.55 -4.56 44.20
N TYR E 30 7.40 -4.44 42.90
CA TYR E 30 7.18 -3.14 42.29
C TYR E 30 5.98 -3.14 41.35
N ASP E 32 4.20 -0.60 38.60
CA ASP E 32 4.02 0.59 37.75
C ASP E 32 2.61 0.65 37.19
N GLU E 33 1.77 1.48 37.81
CA GLU E 33 0.37 1.65 37.39
C GLU E 33 0.22 2.34 36.04
N ASP E 34 1.17 3.19 35.66
CA ASP E 34 1.11 3.87 34.36
C ASP E 34 0.99 2.80 33.28
N VAL E 35 1.91 1.85 33.30
CA VAL E 35 1.91 0.77 32.35
C VAL E 35 0.62 -0.02 32.46
N ARG E 36 0.33 -0.48 33.67
CA ARG E 36 -0.87 -1.27 33.89
C ARG E 36 -2.08 -0.57 33.28
N ASN E 37 -2.17 0.75 33.50
CA ASN E 37 -3.32 1.52 33.00
C ASN E 37 -3.30 1.55 31.46
N THR E 38 -2.17 1.91 30.87
CA THR E 38 -2.07 1.93 29.41
C THR E 38 -2.53 0.64 28.77
N LEU E 39 -2.08 -0.49 29.32
CA LEU E 39 -2.47 -1.76 28.77
C LEU E 39 -3.99 -1.96 28.82
N LYS E 40 -4.58 -1.62 29.96
CA LYS E 40 -6.01 -1.83 30.17
C LYS E 40 -6.85 -0.92 29.26
N GLU E 41 -6.50 0.36 29.20
CA GLU E 41 -7.27 1.31 28.38
C GLU E 41 -7.15 0.92 26.90
N THR E 42 -5.95 0.57 26.47
CA THR E 42 -5.72 0.17 25.10
C THR E 42 -6.58 -1.02 24.72
N ALA E 43 -6.56 -2.03 25.56
CA ALA E 43 -7.32 -3.25 25.29
C ALA E 43 -8.81 -2.98 25.34
N PHE E 44 -9.21 -2.15 26.28
CA PHE E 44 -10.61 -1.85 26.43
C PHE E 44 -11.10 -1.11 25.20
N SER E 45 -10.37 -0.08 24.83
CA SER E 45 -10.73 0.71 23.69
C SER E 45 -11.02 -0.16 22.48
N ILE E 46 -10.09 -1.05 22.18
CA ILE E 46 -10.24 -1.94 21.04
C ILE E 46 -11.43 -2.86 21.20
N SER E 47 -11.65 -3.35 22.42
CA SER E 47 -12.78 -4.25 22.70
C SER E 47 -14.13 -3.60 22.39
N GLU E 48 -14.19 -2.28 22.57
CA GLU E 48 -15.43 -1.55 22.36
C GLU E 48 -15.72 -1.13 20.92
N ILE E 49 -14.83 -1.43 19.98
CA ILE E 49 -15.04 -1.05 18.59
C ILE E 49 -16.05 -1.97 17.91
N PRO E 50 -17.13 -1.41 17.39
CA PRO E 50 -18.15 -2.23 16.73
C PRO E 50 -17.59 -3.20 15.69
N PHE E 51 -16.79 -2.71 14.75
CA PHE E 51 -16.27 -3.58 13.71
C PHE E 51 -15.31 -4.67 14.22
N ILE E 52 -14.68 -4.45 15.36
CA ILE E 52 -13.79 -5.45 15.94
C ILE E 52 -14.66 -6.59 16.44
N GLN E 53 -15.80 -6.24 17.00
CA GLN E 53 -16.73 -7.22 17.54
C GLN E 53 -17.33 -8.06 16.43
N GLU E 54 -17.84 -7.38 15.40
CA GLU E 54 -18.45 -8.08 14.25
C GLU E 54 -17.45 -9.01 13.60
N ASP E 55 -16.22 -8.53 13.44
CA ASP E 55 -15.19 -9.32 12.79
C ASP E 55 -14.93 -10.63 13.50
N LEU E 56 -14.82 -10.60 14.82
CA LEU E 56 -14.58 -11.82 15.58
C LEU E 56 -15.76 -12.75 15.48
N SER E 57 -16.95 -12.19 15.46
CA SER E 57 -18.16 -12.98 15.35
C SER E 57 -18.18 -13.72 14.00
N ASN E 58 -18.04 -12.97 12.92
CA ASN E 58 -18.06 -13.50 11.54
C ASN E 58 -17.06 -14.60 11.20
N GLY E 59 -15.87 -14.56 11.79
CA GLY E 59 -14.85 -15.56 11.50
C GLY E 59 -14.08 -15.30 10.21
N GLU E 60 -14.49 -14.29 9.45
CA GLU E 60 -13.81 -13.95 8.20
C GLU E 60 -12.51 -13.21 8.53
N ILE E 61 -11.47 -13.48 7.75
CA ILE E 61 -10.18 -12.82 7.94
C ILE E 61 -10.13 -11.54 7.11
N ASN E 62 -9.85 -10.42 7.78
CA ASN E 62 -9.80 -9.12 7.13
C ASN E 62 -8.48 -8.41 7.40
N SER E 63 -7.66 -8.28 6.36
CA SER E 63 -6.34 -7.65 6.49
C SER E 63 -6.35 -6.20 7.00
N ARG E 64 -7.44 -5.47 6.78
CA ARG E 64 -7.53 -4.09 7.26
C ARG E 64 -7.62 -4.09 8.78
N ILE E 65 -8.30 -5.09 9.34
CA ILE E 65 -8.39 -5.19 10.80
C ILE E 65 -7.00 -5.52 11.29
N GLN E 66 -6.35 -6.43 10.58
CA GLN E 66 -5.02 -6.85 10.93
C GLN E 66 -4.17 -5.58 11.02
N GLU E 67 -4.22 -4.77 9.97
CA GLU E 67 -3.46 -3.53 9.92
C GLU E 67 -3.86 -2.57 11.05
N TYR E 68 -5.15 -2.53 11.38
CA TYR E 68 -5.63 -1.65 12.45
C TYR E 68 -4.86 -1.81 13.75
N THR E 69 -4.50 -3.05 14.08
CA THR E 69 -3.79 -3.32 15.31
C THR E 69 -2.36 -2.79 15.32
N LYS E 70 -1.81 -2.57 14.13
CA LYS E 70 -0.43 -2.12 13.99
C LYS E 70 -0.21 -0.71 14.59
N HIS E 71 -1.23 0.13 14.57
CA HIS E 71 -1.12 1.48 15.10
C HIS E 71 -0.73 1.54 16.57
N PHE E 72 -1.21 0.56 17.32
CA PHE E 72 -0.99 0.55 18.75
C PHE E 72 0.45 0.25 19.10
N ILE E 73 1.05 -0.65 18.36
CA ILE E 73 2.46 -0.97 18.58
C ILE E 73 3.29 0.28 18.25
N GLU E 74 3.08 0.82 17.06
CA GLU E 74 3.81 2.00 16.55
C GLU E 74 3.71 3.24 17.42
N ALA E 75 2.48 3.61 17.78
CA ALA E 75 2.23 4.85 18.52
C ALA E 75 2.27 4.78 20.04
N ILE E 76 2.18 3.59 20.61
CA ILE E 76 2.19 3.47 22.08
C ILE E 76 3.48 2.78 22.49
N ASN E 77 4.31 3.51 23.19
CA ASN E 77 5.61 3.03 23.62
C ASN E 77 5.53 1.79 24.50
N ASP E 78 4.63 1.78 25.47
CA ASP E 78 4.52 0.65 26.41
C ASP E 78 3.82 -0.59 25.86
N VAL E 79 3.40 -0.58 24.60
CA VAL E 79 2.74 -1.73 24.03
C VAL E 79 3.67 -2.43 23.06
N ASP E 80 4.21 -3.57 23.48
CA ASP E 80 5.12 -4.35 22.66
C ASP E 80 4.42 -5.50 21.95
N ILE E 81 3.24 -5.86 22.41
CA ILE E 81 2.50 -6.98 21.83
C ILE E 81 1.00 -6.76 21.92
N ILE E 82 0.32 -7.12 20.86
CA ILE E 82 -1.11 -7.07 20.81
C ILE E 82 -1.61 -8.30 20.11
N VAL E 83 -2.57 -8.96 20.72
CA VAL E 83 -3.15 -10.14 20.14
C VAL E 83 -4.64 -10.06 20.20
N VAL E 84 -5.28 -10.42 19.10
CA VAL E 84 -6.71 -10.43 19.01
C VAL E 84 -7.07 -11.85 18.60
N ALA E 85 -7.84 -12.50 19.45
CA ALA E 85 -8.22 -13.87 19.20
C ALA E 85 -9.71 -14.05 19.26
N ASP E 86 -10.20 -14.98 18.43
CA ASP E 86 -11.60 -15.34 18.46
C ASP E 86 -11.64 -16.62 19.29
N ARG E 88 -11.65 -19.59 18.43
CA ARG E 88 -10.83 -20.67 17.85
C ARG E 88 -9.36 -20.44 18.19
N GLY E 89 -8.94 -19.19 18.24
CA GLY E 89 -7.56 -18.88 18.58
C GLY E 89 -7.12 -17.53 18.05
N VAL E 90 -5.81 -17.30 18.10
CA VAL E 90 -5.23 -16.05 17.65
C VAL E 90 -5.64 -15.81 16.20
N LYS E 91 -6.20 -14.63 15.93
CA LYS E 91 -6.65 -14.29 14.59
C LYS E 91 -5.76 -13.18 14.02
N TYR E 92 -5.59 -12.09 14.76
CA TYR E 92 -4.72 -10.99 14.33
C TYR E 92 -3.66 -10.82 15.41
N SER E 93 -2.53 -10.26 15.02
CA SER E 93 -1.44 -10.08 15.95
C SER E 93 -0.35 -9.19 15.41
N HIS E 94 0.21 -8.36 16.29
CA HIS E 94 1.33 -7.51 15.93
C HIS E 94 2.25 -7.35 17.10
N LEU E 95 3.54 -7.24 16.81
CA LEU E 95 4.57 -7.12 17.82
C LEU E 95 5.54 -6.05 17.48
N ASP E 96 6.21 -5.50 18.49
CA ASP E 96 7.26 -4.52 18.27
C ASP E 96 8.44 -5.38 17.88
N GLU E 97 8.62 -5.51 16.57
CA GLU E 97 9.63 -6.38 15.98
C GLU E 97 11.06 -6.17 16.49
N LYS E 98 11.45 -4.93 16.77
CA LYS E 98 12.79 -4.68 17.29
C LYS E 98 12.85 -5.23 18.72
N GLN E 99 11.89 -4.85 19.54
CA GLN E 99 11.85 -5.29 20.93
C GLN E 99 11.83 -6.80 21.04
N ILE E 100 10.88 -7.44 20.40
CA ILE E 100 10.75 -8.89 20.50
C ILE E 100 11.90 -9.62 19.82
N GLY E 101 12.40 -9.07 18.72
CA GLY E 101 13.53 -9.69 18.04
C GLY E 101 14.70 -9.94 18.98
N GLN E 102 15.03 -8.93 19.79
CA GLN E 102 16.14 -9.03 20.75
C GLN E 102 16.00 -10.23 21.69
N VAL E 103 14.76 -10.57 22.03
CA VAL E 103 14.48 -11.73 22.89
C VAL E 103 15.11 -13.00 22.31
N PHE E 104 14.93 -13.18 21.01
CA PHE E 104 15.41 -14.37 20.34
C PHE E 104 16.88 -14.33 19.97
N VAL E 105 17.52 -13.19 20.16
CA VAL E 105 18.92 -13.07 19.83
C VAL E 105 19.77 -13.09 21.10
N ASN E 106 19.57 -12.06 21.93
CA ASN E 106 20.35 -11.84 23.16
C ASN E 106 20.88 -13.10 23.82
N GLU E 107 20.09 -14.17 23.83
CA GLU E 107 20.49 -15.38 24.54
C GLU E 107 21.62 -16.15 23.89
N ASP E 108 21.46 -16.46 22.63
CA ASP E 108 22.52 -17.21 21.95
C ASP E 108 23.13 -16.37 20.84
N LYS E 109 23.18 -15.05 21.04
CA LYS E 109 23.77 -14.16 20.04
C LYS E 109 25.28 -14.06 20.23
N LYS E 110 25.74 -14.39 21.44
CA LYS E 110 27.16 -14.35 21.80
C LYS E 110 28.11 -14.92 20.74
N GLU E 111 27.91 -16.19 20.43
CA GLU E 111 28.77 -16.90 19.46
C GLU E 111 28.98 -16.19 18.11
N VAL E 112 27.90 -15.90 17.37
CA VAL E 112 28.02 -15.26 16.04
C VAL E 112 28.67 -13.90 16.15
N LEU E 113 28.29 -13.17 17.20
CA LEU E 113 28.78 -11.82 17.40
C LEU E 113 30.26 -11.78 17.80
N THR E 114 30.74 -12.77 18.54
CA THR E 114 32.15 -12.84 18.94
C THR E 114 32.78 -13.97 18.10
N GLN E 115 33.06 -13.71 16.83
CA GLN E 115 33.64 -14.77 16.00
C GLN E 115 32.93 -16.12 16.21
N GLY E 116 31.66 -16.24 15.84
CA GLY E 116 31.01 -17.58 16.01
C GLY E 116 31.49 -18.60 14.99
N SER E 117 31.01 -18.54 13.74
CA SER E 117 30.04 -17.58 13.24
C SER E 117 28.66 -18.19 13.01
N SER E 118 28.62 -19.25 12.18
CA SER E 118 27.36 -19.90 11.77
C SER E 118 27.01 -21.15 12.55
N TYR E 119 25.75 -21.27 13.00
CA TYR E 119 25.34 -22.41 13.80
C TYR E 119 23.84 -22.51 14.10
N TYR E 120 23.45 -23.65 14.64
CA TYR E 120 22.08 -23.91 15.07
C TYR E 120 21.98 -23.82 16.59
N SER E 121 20.87 -23.33 17.11
CA SER E 121 20.65 -23.31 18.56
C SER E 121 19.20 -23.38 18.97
N LEU E 122 18.93 -24.30 19.89
CA LEU E 122 17.61 -24.49 20.46
C LEU E 122 17.51 -23.67 21.72
N LYS E 124 15.20 -22.43 24.90
CA LYS E 124 14.04 -22.62 25.77
C LYS E 124 14.38 -22.11 27.19
N GLY E 125 13.76 -21.04 27.68
CA GLY E 125 12.69 -20.31 27.02
C GLY E 125 13.02 -19.02 26.30
N SER E 126 13.03 -17.89 27.03
CA SER E 126 13.19 -16.52 26.43
C SER E 126 14.49 -15.67 26.61
N GLY E 128 13.59 -13.21 30.38
CA GLY E 128 12.92 -11.92 30.61
C GLY E 128 11.50 -12.22 31.00
N GLU E 129 10.68 -11.19 31.07
CA GLU E 129 9.32 -11.34 31.53
C GLU E 129 8.41 -10.43 30.73
N THR E 130 7.15 -10.83 30.60
CA THR E 130 6.21 -10.04 29.82
C THR E 130 4.88 -9.88 30.56
N LEU E 131 4.49 -8.63 30.80
CA LEU E 131 3.26 -8.30 31.51
C LEU E 131 2.13 -8.19 30.53
N ARG E 132 1.07 -8.98 30.72
CA ARG E 132 -0.05 -8.95 29.80
C ARG E 132 -1.37 -8.66 30.49
N TRP E 133 -2.32 -8.16 29.71
CA TRP E 133 -3.66 -7.88 30.19
C TRP E 133 -4.61 -8.53 29.22
N PHE E 134 -5.52 -9.35 29.74
CA PHE E 134 -6.51 -10.03 28.93
C PHE E 134 -7.86 -9.38 29.08
N GLN E 135 -8.50 -9.13 27.95
CA GLN E 135 -9.78 -8.45 27.89
C GLN E 135 -10.70 -9.22 26.97
N PRO E 136 -11.85 -9.69 27.48
CA PRO E 136 -12.76 -10.42 26.61
C PRO E 136 -13.44 -9.47 25.63
N VAL E 137 -14.01 -10.02 24.57
CA VAL E 137 -14.71 -9.22 23.56
C VAL E 137 -16.12 -9.78 23.42
N TYR E 139 -20.18 -9.43 21.68
CA TYR E 139 -20.99 -8.96 20.57
C TYR E 139 -22.42 -9.44 20.78
N ASN E 140 -23.37 -8.52 20.72
CA ASN E 140 -24.78 -8.88 20.92
C ASN E 140 -24.94 -9.72 22.21
N GLY E 141 -24.22 -9.37 23.27
CA GLY E 141 -24.32 -10.08 24.54
C GLY E 141 -23.47 -11.34 24.73
N LYS E 142 -22.99 -11.93 23.65
CA LYS E 142 -22.15 -13.13 23.77
C LYS E 142 -20.68 -12.85 23.54
N GLN E 143 -19.82 -13.60 24.23
CA GLN E 143 -18.38 -13.42 24.10
C GLN E 143 -17.91 -14.07 22.81
N VAL E 144 -17.21 -13.29 21.97
CA VAL E 144 -16.74 -13.77 20.68
C VAL E 144 -15.22 -13.93 20.59
N GLY E 145 -14.52 -13.58 21.66
CA GLY E 145 -13.07 -13.69 21.67
C GLY E 145 -12.46 -12.89 22.79
N PHE E 146 -11.20 -12.51 22.62
CA PHE E 146 -10.51 -11.73 23.61
C PHE E 146 -9.37 -10.95 22.99
N ILE E 147 -8.85 -9.99 23.74
CA ILE E 147 -7.74 -9.17 23.30
C ILE E 147 -6.69 -9.20 24.38
N VAL E 149 -2.95 -7.61 25.54
CA VAL E 149 -2.04 -6.51 25.29
C VAL E 149 -0.92 -6.63 26.31
N GLY E 150 0.33 -6.51 25.87
CA GLY E 150 1.44 -6.66 26.80
C GLY E 150 2.67 -5.85 26.53
N LYS E 151 3.54 -5.82 27.55
CA LYS E 151 4.80 -5.13 27.48
C LYS E 151 5.87 -6.11 27.89
N TYR E 152 7.01 -6.06 27.23
CA TYR E 152 8.11 -6.95 27.53
C TYR E 152 9.16 -6.26 28.39
N TYR E 153 9.74 -7.03 29.30
CA TYR E 153 10.80 -6.56 30.18
C TYR E 153 11.97 -7.54 30.06
N ASN E 154 13.18 -6.98 29.95
CA ASN E 154 14.40 -7.75 29.79
C ASN E 154 14.75 -8.56 31.04
N ASP F 26 17.89 -45.47 28.01
CA ASP F 26 18.43 -45.01 26.68
C ASP F 26 17.60 -43.88 26.08
N LYS F 27 18.26 -42.75 25.87
CA LYS F 27 17.62 -41.55 25.31
C LYS F 27 17.51 -41.64 23.77
N LEU F 28 16.70 -40.77 23.17
CA LEU F 28 16.53 -40.76 21.70
C LEU F 28 16.31 -39.34 21.16
N SER F 29 17.36 -38.73 20.62
CA SER F 29 17.25 -37.39 20.05
C SER F 29 16.66 -37.50 18.67
N TYR F 30 16.06 -36.43 18.20
CA TYR F 30 15.48 -36.45 16.86
C TYR F 30 16.00 -35.27 16.06
N ASP F 32 15.32 -33.51 12.39
CA ASP F 32 14.68 -33.27 11.08
C ASP F 32 15.57 -32.37 10.22
N GLU F 33 16.30 -32.96 9.28
CA GLU F 33 17.19 -32.24 8.37
C GLU F 33 16.46 -31.35 7.38
N ASP F 34 15.22 -31.70 7.01
CA ASP F 34 14.44 -30.89 6.09
C ASP F 34 14.36 -29.48 6.65
N VAL F 35 13.92 -29.40 7.91
CA VAL F 35 13.81 -28.13 8.58
C VAL F 35 15.17 -27.46 8.66
N ARG F 36 16.14 -28.18 9.21
CA ARG F 36 17.47 -27.62 9.36
C ARG F 36 17.93 -27.03 8.03
N ASN F 37 17.68 -27.76 6.95
CA ASN F 37 18.04 -27.31 5.60
C ASN F 37 17.34 -26.03 5.21
N THR F 38 16.01 -26.06 5.27
CA THR F 38 15.21 -24.89 4.93
C THR F 38 15.69 -23.63 5.65
N LEU F 39 15.98 -23.75 6.94
CA LEU F 39 16.44 -22.60 7.69
C LEU F 39 17.76 -22.08 7.14
N LYS F 40 18.68 -22.99 6.87
CA LYS F 40 20.00 -22.59 6.41
C LYS F 40 19.97 -21.97 5.01
N GLU F 41 19.25 -22.60 4.07
CA GLU F 41 19.19 -22.08 2.70
C GLU F 41 18.51 -20.71 2.70
N THR F 42 17.43 -20.59 3.46
CA THR F 42 16.71 -19.34 3.54
C THR F 42 17.61 -18.22 4.05
N ALA F 43 18.33 -18.48 5.13
CA ALA F 43 19.22 -17.48 5.71
C ALA F 43 20.37 -17.16 4.78
N PHE F 44 20.88 -18.19 4.13
CA PHE F 44 22.00 -18.00 3.24
C PHE F 44 21.58 -17.13 2.07
N SER F 45 20.47 -17.52 1.46
CA SER F 45 19.96 -16.78 0.33
C SER F 45 19.90 -15.29 0.62
N ILE F 46 19.28 -14.95 1.74
CA ILE F 46 19.13 -13.56 2.12
C ILE F 46 20.49 -12.90 2.36
N SER F 47 21.42 -13.64 2.96
CA SER F 47 22.75 -13.11 3.22
C SER F 47 23.47 -12.68 1.97
N GLU F 48 23.22 -13.40 0.89
CA GLU F 48 23.89 -13.17 -0.37
C GLU F 48 23.30 -12.04 -1.22
N ILE F 49 22.22 -11.42 -0.77
CA ILE F 49 21.59 -10.36 -1.55
C ILE F 49 22.38 -9.04 -1.44
N PRO F 50 22.83 -8.50 -2.57
CA PRO F 50 23.60 -7.27 -2.53
C PRO F 50 22.96 -6.15 -1.71
N PHE F 51 21.70 -5.84 -1.99
CA PHE F 51 21.05 -4.74 -1.28
C PHE F 51 20.85 -5.00 0.23
N ILE F 52 20.82 -6.26 0.63
CA ILE F 52 20.70 -6.59 2.06
C ILE F 52 22.01 -6.23 2.74
N GLN F 53 23.10 -6.51 2.04
CA GLN F 53 24.44 -6.22 2.55
C GLN F 53 24.67 -4.72 2.68
N GLU F 54 24.37 -3.99 1.59
CA GLU F 54 24.55 -2.53 1.59
C GLU F 54 23.70 -1.89 2.68
N ASP F 55 22.48 -2.35 2.82
CA ASP F 55 21.57 -1.79 3.81
C ASP F 55 22.13 -1.90 5.22
N LEU F 56 22.66 -3.06 5.59
CA LEU F 56 23.21 -3.24 6.93
C LEU F 56 24.43 -2.38 7.13
N SER F 57 25.22 -2.22 6.08
CA SER F 57 26.41 -1.38 6.13
C SER F 57 26.01 0.07 6.39
N ASN F 58 25.14 0.60 5.54
CA ASN F 58 24.65 2.00 5.64
C ASN F 58 24.03 2.45 6.96
N GLY F 59 23.32 1.56 7.64
CA GLY F 59 22.68 1.92 8.90
C GLY F 59 21.34 2.63 8.72
N GLU F 60 20.99 2.97 7.49
CA GLU F 60 19.72 3.64 7.26
C GLU F 60 18.59 2.63 7.31
N ILE F 61 17.45 3.05 7.84
CA ILE F 61 16.27 2.18 7.94
C ILE F 61 15.44 2.30 6.67
N ASN F 62 15.16 1.15 6.04
CA ASN F 62 14.39 1.11 4.79
C ASN F 62 13.22 0.15 4.90
N SER F 63 12.01 0.70 4.91
CA SER F 63 10.79 -0.10 5.06
C SER F 63 10.57 -1.17 3.96
N ARG F 64 11.14 -0.96 2.77
CA ARG F 64 10.99 -1.95 1.70
C ARG F 64 11.79 -3.20 2.04
N ILE F 65 12.93 -3.01 2.70
CA ILE F 65 13.74 -4.15 3.12
C ILE F 65 12.94 -4.86 4.20
N GLN F 66 12.38 -4.08 5.08
CA GLN F 66 11.59 -4.60 6.17
C GLN F 66 10.52 -5.52 5.53
N GLU F 67 9.81 -4.98 4.56
CA GLU F 67 8.75 -5.73 3.86
C GLU F 67 9.32 -6.97 3.16
N TYR F 68 10.52 -6.85 2.60
CA TYR F 68 11.15 -7.96 1.91
C TYR F 68 11.19 -9.24 2.74
N THR F 69 11.45 -9.08 4.04
CA THR F 69 11.56 -10.24 4.92
C THR F 69 10.23 -10.93 5.16
N LYS F 70 9.14 -10.21 4.93
CA LYS F 70 7.80 -10.75 5.17
C LYS F 70 7.46 -11.94 4.26
N HIS F 71 8.02 -11.95 3.05
CA HIS F 71 7.74 -13.03 2.10
C HIS F 71 8.11 -14.40 2.62
N PHE F 72 9.17 -14.45 3.42
CA PHE F 72 9.69 -15.72 3.90
C PHE F 72 8.78 -16.34 4.94
N ILE F 73 8.21 -15.52 5.80
CA ILE F 73 7.28 -16.01 6.79
C ILE F 73 6.05 -16.55 6.05
N GLU F 74 5.48 -15.72 5.17
CA GLU F 74 4.27 -16.06 4.41
C GLU F 74 4.36 -17.31 3.56
N ALA F 75 5.42 -17.37 2.74
CA ALA F 75 5.57 -18.45 1.77
C ALA F 75 6.30 -19.70 2.23
N ILE F 76 7.03 -19.64 3.34
CA ILE F 76 7.76 -20.81 3.82
C ILE F 76 7.13 -21.26 5.13
N ASN F 77 6.54 -22.45 5.09
CA ASN F 77 5.84 -23.01 6.24
C ASN F 77 6.72 -23.19 7.47
N ASP F 78 7.94 -23.70 7.28
CA ASP F 78 8.84 -23.94 8.42
C ASP F 78 9.55 -22.71 8.97
N VAL F 79 9.28 -21.52 8.44
CA VAL F 79 9.91 -20.32 8.95
C VAL F 79 8.91 -19.50 9.74
N ASP F 80 9.03 -19.52 11.06
CA ASP F 80 8.14 -18.78 11.94
C ASP F 80 8.74 -17.46 12.40
N ILE F 81 10.05 -17.31 12.24
CA ILE F 81 10.73 -16.10 12.68
C ILE F 81 11.91 -15.79 11.80
N ILE F 82 12.08 -14.51 11.51
CA ILE F 82 13.19 -14.05 10.72
C ILE F 82 13.66 -12.73 11.33
N VAL F 83 14.96 -12.65 11.60
CA VAL F 83 15.53 -11.46 12.16
C VAL F 83 16.75 -11.07 11.40
N VAL F 84 16.86 -9.79 11.13
CA VAL F 84 17.99 -9.25 10.44
C VAL F 84 18.54 -8.17 11.33
N ALA F 85 19.79 -8.33 11.73
CA ALA F 85 20.43 -7.40 12.63
C ALA F 85 21.75 -6.89 12.10
N ASP F 86 22.05 -5.64 12.45
CA ASP F 86 23.32 -5.00 12.12
C ASP F 86 24.16 -5.19 13.37
N ARG F 88 24.72 -3.17 15.60
CA ARG F 88 24.10 -2.47 16.75
C ARG F 88 22.99 -3.33 17.36
N GLY F 89 22.27 -4.05 16.52
CA GLY F 89 21.20 -4.91 17.00
C GLY F 89 20.16 -5.18 15.94
N VAL F 90 19.04 -5.75 16.38
CA VAL F 90 17.93 -6.10 15.50
C VAL F 90 17.50 -4.87 14.74
N LYS F 91 17.43 -4.98 13.41
CA LYS F 91 17.06 -3.88 12.56
C LYS F 91 15.69 -4.17 11.92
N TYR F 92 15.56 -5.32 11.28
CA TYR F 92 14.30 -5.72 10.67
C TYR F 92 13.89 -7.03 11.30
N SER F 93 12.60 -7.30 11.29
CA SER F 93 12.10 -8.52 11.90
C SER F 93 10.66 -8.82 11.53
N HIS F 94 10.37 -10.10 11.34
CA HIS F 94 9.01 -10.54 11.05
C HIS F 94 8.77 -11.90 11.67
N LEU F 95 7.55 -12.11 12.12
CA LEU F 95 7.18 -13.33 12.79
C LEU F 95 5.87 -13.83 12.26
N ASP F 96 5.63 -15.13 12.40
CA ASP F 96 4.35 -15.70 12.01
C ASP F 96 3.48 -15.35 13.19
N GLU F 97 2.75 -14.25 13.04
CA GLU F 97 1.93 -13.69 14.10
C GLU F 97 0.94 -14.65 14.75
N LYS F 98 0.35 -15.57 13.99
CA LYS F 98 -0.56 -16.55 14.60
C LYS F 98 0.28 -17.51 15.44
N GLN F 99 1.32 -18.07 14.84
CA GLN F 99 2.21 -18.99 15.55
C GLN F 99 2.78 -18.41 16.83
N ILE F 100 3.45 -17.28 16.71
CA ILE F 100 4.10 -16.68 17.87
C ILE F 100 3.08 -16.14 18.88
N GLY F 101 1.95 -15.63 18.40
CA GLY F 101 0.93 -15.13 19.29
C GLY F 101 0.52 -16.16 20.32
N GLN F 102 0.30 -17.40 19.86
CA GLN F 102 -0.12 -18.49 20.75
C GLN F 102 0.84 -18.70 21.91
N VAL F 103 2.12 -18.46 21.66
CA VAL F 103 3.15 -18.58 22.69
C VAL F 103 2.80 -17.74 23.90
N PHE F 104 2.41 -16.51 23.64
CA PHE F 104 2.10 -15.56 24.71
C PHE F 104 0.70 -15.70 25.30
N VAL F 105 -0.13 -16.54 24.72
CA VAL F 105 -1.47 -16.73 25.21
C VAL F 105 -1.64 -18.04 25.97
N ASN F 106 -1.44 -19.15 25.25
CA ASN F 106 -1.65 -20.52 25.76
C ASN F 106 -1.54 -20.74 27.25
N GLU F 107 -0.56 -20.12 27.90
CA GLU F 107 -0.33 -20.37 29.31
C GLU F 107 -1.35 -19.84 30.25
N ASP F 108 -1.61 -18.55 30.16
CA ASP F 108 -2.61 -17.97 31.06
C ASP F 108 -3.83 -17.46 30.29
N LYS F 109 -4.13 -18.15 29.19
CA LYS F 109 -5.27 -17.95 28.29
C LYS F 109 -6.56 -18.47 28.89
N LYS F 110 -6.38 -19.55 29.64
CA LYS F 110 -7.44 -20.31 30.26
C LYS F 110 -8.53 -19.48 30.93
N GLU F 111 -8.15 -18.70 31.94
CA GLU F 111 -9.13 -17.90 32.70
C GLU F 111 -10.05 -16.98 31.85
N VAL F 112 -9.50 -16.11 31.00
CA VAL F 112 -10.31 -15.20 30.18
C VAL F 112 -11.21 -15.96 29.22
N LEU F 113 -10.67 -17.02 28.63
CA LEU F 113 -11.39 -17.83 27.66
C LEU F 113 -12.53 -18.65 28.27
N THR F 114 -12.37 -19.08 29.54
CA THR F 114 -13.41 -19.88 30.18
C THR F 114 -14.35 -19.17 31.17
N GLN F 115 -13.86 -18.23 31.97
CA GLN F 115 -14.68 -17.61 33.03
C GLN F 115 -15.41 -16.29 32.71
N GLY F 116 -14.72 -15.19 32.97
CA GLY F 116 -15.27 -13.84 32.82
C GLY F 116 -14.71 -13.16 31.61
N SER F 117 -13.54 -12.51 31.71
CA SER F 117 -12.72 -12.43 32.97
C SER F 117 -11.48 -11.63 32.66
N SER F 118 -11.43 -10.39 33.16
CA SER F 118 -10.30 -9.48 32.92
C SER F 118 -9.23 -9.54 33.99
N TYR F 119 -7.96 -9.55 33.59
CA TYR F 119 -6.86 -9.62 34.57
C TYR F 119 -5.47 -9.38 33.98
N TYR F 120 -4.51 -9.19 34.88
CA TYR F 120 -3.11 -9.00 34.51
C TYR F 120 -2.36 -10.29 34.75
N SER F 121 -1.37 -10.57 33.91
CA SER F 121 -0.59 -11.77 34.08
C SER F 121 0.83 -11.64 33.57
N LEU F 122 1.77 -11.93 34.46
CA LEU F 122 3.19 -11.93 34.15
C LEU F 122 3.59 -13.34 33.75
N LYS F 124 6.78 -15.44 32.89
CA LYS F 124 8.21 -15.42 33.00
C LYS F 124 8.66 -16.37 31.91
N GLY F 125 9.55 -15.90 31.05
CA GLY F 125 10.01 -16.71 29.94
C GLY F 125 8.86 -17.24 29.10
N SER F 126 9.11 -18.35 28.43
CA SER F 126 8.15 -18.94 27.52
C SER F 126 8.15 -20.45 27.49
N GLY F 128 7.65 -24.12 25.35
CA GLY F 128 8.01 -24.63 24.05
C GLY F 128 9.47 -24.37 23.76
N GLU F 129 9.85 -24.61 22.52
CA GLU F 129 11.23 -24.49 22.11
C GLU F 129 11.30 -23.93 20.70
N THR F 130 12.40 -23.23 20.40
CA THR F 130 12.55 -22.64 19.08
C THR F 130 13.94 -22.91 18.49
N LEU F 131 13.96 -23.53 17.31
CA LEU F 131 15.20 -23.87 16.63
C LEU F 131 15.61 -22.73 15.74
N ARG F 132 16.81 -22.21 15.94
CA ARG F 132 17.29 -21.09 15.15
C ARG F 132 18.60 -21.36 14.45
N TRP F 133 18.83 -20.62 13.38
CA TRP F 133 20.07 -20.72 12.62
C TRP F 133 20.59 -19.31 12.46
N PHE F 134 21.84 -19.10 12.84
CA PHE F 134 22.47 -17.80 12.74
C PHE F 134 23.44 -17.79 11.57
N GLN F 135 23.34 -16.75 10.76
CA GLN F 135 24.14 -16.59 9.57
C GLN F 135 24.69 -15.18 9.54
N PRO F 136 26.02 -15.04 9.50
CA PRO F 136 26.58 -13.69 9.45
C PRO F 136 26.36 -13.07 8.08
N VAL F 137 26.49 -11.75 7.99
CA VAL F 137 26.33 -11.04 6.72
C VAL F 137 27.58 -10.23 6.48
N TYR F 139 29.95 -7.61 3.80
CA TYR F 139 29.94 -6.63 2.73
C TYR F 139 31.37 -6.15 2.51
N ASN F 140 31.85 -6.23 1.27
CA ASN F 140 33.19 -5.83 0.94
C ASN F 140 34.20 -6.44 1.89
N GLY F 141 34.00 -7.71 2.22
CA GLY F 141 34.93 -8.42 3.10
C GLY F 141 34.73 -8.30 4.60
N LYS F 142 34.01 -7.29 5.06
CA LYS F 142 33.77 -7.12 6.51
C LYS F 142 32.35 -7.54 6.91
N GLN F 143 32.22 -8.10 8.11
CA GLN F 143 30.91 -8.55 8.61
C GLN F 143 30.11 -7.31 9.09
N VAL F 144 28.92 -7.14 8.53
CA VAL F 144 28.06 -5.98 8.85
C VAL F 144 26.84 -6.32 9.68
N GLY F 145 26.65 -7.59 9.99
CA GLY F 145 25.51 -8.01 10.79
C GLY F 145 25.29 -9.50 10.71
N PHE F 146 24.05 -9.91 10.94
CA PHE F 146 23.72 -11.32 10.86
C PHE F 146 22.23 -11.50 10.59
N ILE F 147 21.87 -12.73 10.25
CA ILE F 147 20.50 -13.06 9.98
C ILE F 147 20.18 -14.30 10.78
N VAL F 149 17.16 -17.17 11.53
CA VAL F 149 15.93 -17.75 10.98
C VAL F 149 15.56 -18.89 11.89
N GLY F 150 14.30 -18.98 12.27
CA GLY F 150 13.89 -20.05 13.18
C GLY F 150 12.48 -20.57 13.03
N LYS F 151 12.27 -21.71 13.66
CA LYS F 151 10.98 -22.37 13.67
C LYS F 151 10.63 -22.62 15.12
N TYR F 152 9.36 -22.46 15.46
CA TYR F 152 8.91 -22.68 16.81
C TYR F 152 8.22 -24.03 16.96
N TYR F 153 8.44 -24.65 18.11
CA TYR F 153 7.84 -25.93 18.45
C TYR F 153 7.14 -25.76 19.79
N ASN F 154 5.91 -26.28 19.87
CA ASN F 154 5.07 -26.19 21.06
C ASN F 154 5.62 -26.99 22.24
#